data_9L6C
#
_entry.id   9L6C
#
_cell.length_a   1.00
_cell.length_b   1.00
_cell.length_c   1.00
_cell.angle_alpha   90.00
_cell.angle_beta   90.00
_cell.angle_gamma   90.00
#
_symmetry.space_group_name_H-M   'P 1'
#
loop_
_entity.id
_entity.type
_entity.pdbx_description
1 polymer 'Heavy chain of Fab ConD-852'
2 polymer 'Spike protein S1'
3 polymer 'Light chain of Fab ConD-852'
4 polymer 'Heavy chain of Fab S304'
5 polymer 'Light chain of Fab S304'
6 polymer 'Heavy chain of Fab P2C-1F11'
7 polymer 'Light chain of Fac P2C-1F11'
8 branched 2-acetamido-2-deoxy-beta-D-glucopyranose-(1-4)-2-acetamido-2-deoxy-beta-D-glucopyranose
#
loop_
_entity_poly.entity_id
_entity_poly.type
_entity_poly.pdbx_seq_one_letter_code
_entity_poly.pdbx_strand_id
1 'polypeptide(L)'
;QVQLVESGGGVVQPGRSLRLSCAASGFTFSSYGMHWVRQAPGKGLEWVALIWFDGSNKYYADSVKGRFTISRDNSKNTLY
LQMNSLRAEDTAVYYCARDGLDLEWLFGLFDYWGQGTLVTVSS
;
A
2 'polypeptide(L)'
;TNLCPFGEVFNATRFASVYAWNRKRISNCVADYSVLYNSASFSTFKCYGVSPTKLNDLCFTNVYADSFVIRGDEVRQIAP
GQTGKIADYNYKLPDDFTGCVIAWNSNNLDSKVGGNYNYRYRLFRKSNLKPFERDISTEIYQAGSKPCNGVEGFNCYFPL
QSYGFQPTNGVGYQPYRVVVLSFELLHAPATVCG
;
E
3 'polypeptide(L)'
;EIVLTQSPGTLSLSPGERATLSCRASQSVSSSYLAWYQQKPGQAPRLLIYGASSRATGIPDRFSGSGSGTDFTLTISRLE
PEDFAVYYCQQYGSSPELTFGGGTKVEIK
;
B
4 'polypeptide(L)'
;EVQLVESGGGLVQPGGSLRLSCAASGFTFSSYDMHWVRQTTGKGLEWVSTIGTAGDTYYPDSVKGRFTISREDAKNSLYL
QMNSLRAGDTAVYYCARGDSSGYYYYFDYWGQGTLLTVS
;
H
5 'polypeptide(L)'
;DIQMTQSPSSLSAAVGDRVTITCRASQSIGSYLNWYQQKPGKAPKLLIYAASSLQSGVPSRFSGSGSGTDFTLTISSLQP
EDFAIYYCQQSYVSPTYTFGPGTKVDIK
;
L
6 'polypeptide(L)'
;VQLVESGGGLVQPGGSLRLSCAASGITVSSNYMNWVRQAPGKGLEWVSLIYSGGSTYYADSVKGRFTISRDNSKNTLYLQ
MNSLRAEDTAVYHCARDLVVYGMDVWGQGTTVTVS
;
D
7 'polypeptide(L)'
;EIVLTQSPGTLSLSPGERATLSCRASQSVSSSYLAWYQQKPGQAPRLLIYGASSRATGIPDRFSGSGSGTDFTLTISRLE
PEDFAVYYCQQYGSSPTFGQGTKLEIK
;
F
#
loop_
_chem_comp.id
_chem_comp.type
_chem_comp.name
_chem_comp.formula
NAG D-saccharide, beta linking 2-acetamido-2-deoxy-beta-D-glucopyranose 'C8 H15 N O6'
#
# COMPACT_ATOMS: atom_id res chain seq x y z
N GLN A 1 21.15 -0.38 -21.64
CA GLN A 1 22.13 -1.41 -21.95
C GLN A 1 21.75 -2.74 -21.31
N VAL A 2 21.33 -3.70 -22.15
CA VAL A 2 20.99 -5.04 -21.71
C VAL A 2 21.74 -6.02 -22.59
N GLN A 3 22.41 -7.00 -21.96
CA GLN A 3 23.21 -7.98 -22.67
C GLN A 3 22.56 -9.35 -22.55
N LEU A 4 22.28 -9.97 -23.70
CA LEU A 4 21.75 -11.32 -23.76
C LEU A 4 22.61 -12.15 -24.71
N VAL A 5 23.04 -13.32 -24.24
CA VAL A 5 23.81 -14.25 -25.05
C VAL A 5 23.11 -15.61 -25.01
N GLU A 6 23.41 -16.43 -26.00
CA GLU A 6 22.79 -17.75 -26.13
C GLU A 6 23.87 -18.81 -26.29
N SER A 7 23.65 -19.97 -25.67
CA SER A 7 24.58 -21.08 -25.73
C SER A 7 23.81 -22.38 -25.95
N GLY A 8 24.36 -23.25 -26.79
CA GLY A 8 23.72 -24.50 -27.09
C GLY A 8 23.11 -24.54 -28.48
N GLY A 9 23.43 -25.58 -29.24
CA GLY A 9 22.90 -25.73 -30.58
C GLY A 9 23.72 -26.69 -31.39
N GLY A 10 23.20 -27.01 -32.56
CA GLY A 10 23.89 -27.93 -33.46
C GLY A 10 22.98 -28.87 -34.22
N VAL A 11 23.46 -30.09 -34.47
CA VAL A 11 22.74 -31.09 -35.25
C VAL A 11 22.41 -32.26 -34.34
N VAL A 12 21.13 -32.66 -34.34
CA VAL A 12 20.67 -33.81 -33.57
C VAL A 12 19.64 -34.56 -34.40
N GLN A 13 19.76 -35.89 -34.45
CA GLN A 13 18.77 -36.70 -35.12
C GLN A 13 17.44 -36.63 -34.37
N PRO A 14 16.31 -36.67 -35.08
CA PRO A 14 15.01 -36.62 -34.40
C PRO A 14 14.87 -37.74 -33.39
N GLY A 15 14.30 -37.41 -32.23
CA GLY A 15 14.10 -38.36 -31.17
C GLY A 15 15.11 -38.33 -30.05
N ARG A 16 15.76 -37.20 -29.80
CA ARG A 16 16.63 -37.06 -28.63
C ARG A 16 16.34 -35.72 -27.98
N SER A 17 17.21 -35.30 -27.06
CA SER A 17 16.98 -34.12 -26.24
C SER A 17 18.10 -33.11 -26.44
N LEU A 18 17.75 -31.85 -26.21
CA LEU A 18 18.71 -30.75 -26.26
C LEU A 18 18.28 -29.71 -25.23
N ARG A 19 19.24 -28.91 -24.77
CA ARG A 19 18.99 -27.93 -23.71
C ARG A 19 19.66 -26.62 -24.08
N LEU A 20 18.88 -25.54 -24.07
CA LEU A 20 19.38 -24.20 -24.37
C LEU A 20 19.65 -23.43 -23.08
N SER A 21 20.39 -22.33 -23.22
CA SER A 21 20.73 -21.49 -22.09
C SER A 21 20.96 -20.06 -22.58
N CYS A 22 20.40 -19.09 -21.88
CA CYS A 22 20.53 -17.68 -22.25
C CYS A 22 20.90 -16.89 -21.00
N ALA A 23 22.20 -16.61 -20.86
CA ALA A 23 22.68 -15.79 -19.75
C ALA A 23 22.44 -14.31 -20.04
N ALA A 24 22.10 -13.57 -19.00
CA ALA A 24 21.78 -12.15 -19.13
C ALA A 24 22.48 -11.35 -18.03
N SER A 25 22.72 -10.08 -18.33
CA SER A 25 23.33 -9.16 -17.37
C SER A 25 22.99 -7.74 -17.78
N GLY A 26 23.22 -6.81 -16.86
CA GLY A 26 22.91 -5.41 -17.09
C GLY A 26 21.63 -4.94 -16.45
N PHE A 27 20.88 -5.82 -15.79
CA PHE A 27 19.65 -5.45 -15.12
C PHE A 27 19.34 -6.52 -14.09
N THR A 28 18.41 -6.21 -13.19
CA THR A 28 18.04 -7.14 -12.14
C THR A 28 17.25 -8.31 -12.74
N PHE A 29 17.83 -9.50 -12.68
CA PHE A 29 17.17 -10.69 -13.25
C PHE A 29 16.30 -11.39 -12.22
N SER A 30 15.45 -10.60 -11.57
CA SER A 30 14.39 -11.14 -10.71
C SER A 30 13.12 -10.32 -10.79
N SER A 31 13.08 -9.29 -11.62
CA SER A 31 11.92 -8.41 -11.72
C SER A 31 11.45 -8.20 -13.16
N TYR A 32 11.91 -9.04 -14.09
CA TYR A 32 11.58 -8.89 -15.50
C TYR A 32 11.20 -10.25 -16.08
N GLY A 33 10.26 -10.25 -17.02
CA GLY A 33 9.80 -11.48 -17.63
C GLY A 33 10.63 -11.90 -18.83
N MET A 34 10.70 -13.20 -19.06
CA MET A 34 11.49 -13.79 -20.12
C MET A 34 10.58 -14.35 -21.21
N HIS A 35 11.19 -14.67 -22.35
CA HIS A 35 10.46 -15.18 -23.51
C HIS A 35 11.35 -16.16 -24.27
N TRP A 36 10.81 -16.68 -25.36
CA TRP A 36 11.57 -17.53 -26.28
C TRP A 36 10.91 -17.45 -27.64
N VAL A 37 11.55 -16.77 -28.59
CA VAL A 37 11.04 -16.59 -29.94
C VAL A 37 11.97 -17.31 -30.90
N ARG A 38 11.42 -18.18 -31.72
CA ARG A 38 12.21 -18.96 -32.66
C ARG A 38 11.79 -18.62 -34.09
N GLN A 39 12.70 -18.88 -35.03
CA GLN A 39 12.52 -18.50 -36.43
C GLN A 39 13.04 -19.61 -37.34
N ALA A 40 12.13 -20.28 -38.01
CA ALA A 40 12.52 -21.16 -39.10
C ALA A 40 13.07 -20.34 -40.26
N PRO A 41 13.97 -20.89 -41.06
CA PRO A 41 14.65 -20.08 -42.08
C PRO A 41 13.69 -19.54 -43.12
N GLY A 42 13.72 -18.23 -43.30
CA GLY A 42 12.96 -17.57 -44.36
C GLY A 42 11.46 -17.73 -44.27
N LYS A 43 10.93 -17.94 -43.07
CA LYS A 43 9.48 -18.09 -42.90
C LYS A 43 8.88 -16.98 -42.05
N GLY A 44 9.38 -16.78 -40.84
CA GLY A 44 8.82 -15.77 -39.95
C GLY A 44 9.08 -16.13 -38.50
N LEU A 45 8.46 -15.34 -37.62
CA LEU A 45 8.65 -15.46 -36.19
C LEU A 45 7.52 -16.27 -35.54
N GLU A 46 7.81 -16.79 -34.36
CA GLU A 46 6.81 -17.50 -33.57
C GLU A 46 7.26 -17.53 -32.11
N TRP A 47 6.37 -17.11 -31.22
CA TRP A 47 6.63 -17.18 -29.79
C TRP A 47 6.47 -18.62 -29.31
N VAL A 48 7.20 -18.98 -28.25
CA VAL A 48 7.20 -20.36 -27.77
C VAL A 48 6.73 -20.45 -26.33
N ALA A 49 7.41 -19.76 -25.41
CA ALA A 49 7.15 -19.94 -23.99
C ALA A 49 7.38 -18.63 -23.25
N LEU A 50 7.03 -18.63 -21.96
CA LEU A 50 7.16 -17.47 -21.11
C LEU A 50 7.22 -17.94 -19.66
N ILE A 51 8.01 -17.25 -18.84
CA ILE A 51 8.15 -17.57 -17.43
C ILE A 51 8.17 -16.28 -16.63
N TRP A 52 7.57 -16.32 -15.43
CA TRP A 52 7.45 -15.14 -14.58
C TRP A 52 8.71 -14.97 -13.73
N PHE A 53 8.62 -14.08 -12.74
CA PHE A 53 9.77 -13.80 -11.88
C PHE A 53 10.13 -15.01 -11.03
N ASP A 54 9.14 -15.58 -10.34
CA ASP A 54 9.35 -16.68 -9.42
C ASP A 54 9.66 -18.00 -10.12
N GLY A 55 9.52 -18.05 -11.43
CA GLY A 55 9.70 -19.31 -12.13
C GLY A 55 8.54 -20.26 -11.97
N SER A 56 7.35 -19.74 -11.68
CA SER A 56 6.15 -20.56 -11.52
C SER A 56 4.96 -19.77 -12.04
N ASN A 57 4.67 -19.95 -13.33
CA ASN A 57 3.58 -19.32 -14.08
C ASN A 57 3.86 -19.46 -15.57
N LYS A 58 4.31 -20.63 -16.00
CA LYS A 58 4.75 -20.83 -17.38
C LYS A 58 3.55 -20.93 -18.31
N TYR A 59 3.57 -20.12 -19.38
CA TYR A 59 2.54 -20.13 -20.41
C TYR A 59 3.23 -20.44 -21.74
N TYR A 60 3.07 -21.67 -22.22
CA TYR A 60 3.66 -22.07 -23.49
C TYR A 60 2.77 -21.59 -24.64
N ALA A 61 3.09 -22.01 -25.86
CA ALA A 61 2.28 -21.73 -27.02
C ALA A 61 1.46 -22.98 -27.39
N ASP A 62 0.54 -22.79 -28.33
CA ASP A 62 -0.40 -23.86 -28.66
C ASP A 62 0.28 -25.01 -29.38
N SER A 63 1.34 -24.74 -30.14
CA SER A 63 1.96 -25.75 -31.00
C SER A 63 3.24 -26.33 -30.43
N VAL A 64 3.55 -26.07 -29.15
CA VAL A 64 4.78 -26.57 -28.57
C VAL A 64 4.50 -27.26 -27.24
N LYS A 65 3.30 -27.06 -26.71
CA LYS A 65 2.95 -27.64 -25.41
C LYS A 65 2.96 -29.15 -25.48
N GLY A 66 3.59 -29.79 -24.49
CA GLY A 66 3.67 -31.23 -24.39
C GLY A 66 5.07 -31.79 -24.38
N ARG A 67 6.03 -31.07 -24.96
CA ARG A 67 7.41 -31.56 -24.97
C ARG A 67 8.43 -30.45 -24.72
N PHE A 68 7.99 -29.28 -24.25
CA PHE A 68 8.89 -28.16 -23.96
C PHE A 68 8.78 -27.79 -22.49
N THR A 69 9.92 -27.47 -21.88
CA THR A 69 9.96 -27.03 -20.50
C THR A 69 10.84 -25.78 -20.41
N ILE A 70 10.33 -24.73 -19.77
CA ILE A 70 11.06 -23.48 -19.58
C ILE A 70 11.44 -23.38 -18.11
N SER A 71 12.73 -23.20 -17.85
CA SER A 71 13.27 -23.15 -16.49
C SER A 71 13.99 -21.83 -16.27
N ARG A 72 13.95 -21.36 -15.03
CA ARG A 72 14.51 -20.07 -14.66
C ARG A 72 15.33 -20.20 -13.39
N ASP A 73 16.54 -19.66 -13.41
CA ASP A 73 17.39 -19.59 -12.22
C ASP A 73 17.68 -18.12 -11.91
N ASN A 74 17.40 -17.71 -10.68
CA ASN A 74 17.60 -16.33 -10.28
C ASN A 74 18.88 -16.10 -9.49
N SER A 75 19.46 -17.16 -8.92
CA SER A 75 20.74 -17.07 -8.24
C SER A 75 21.92 -17.18 -9.19
N LYS A 76 21.67 -17.40 -10.47
CA LYS A 76 22.73 -17.53 -11.46
C LYS A 76 22.54 -16.63 -12.68
N ASN A 77 21.39 -16.00 -12.84
CA ASN A 77 21.08 -15.14 -14.00
C ASN A 77 21.23 -15.91 -15.30
N THR A 78 20.41 -16.95 -15.44
CA THR A 78 20.43 -17.80 -16.63
C THR A 78 19.03 -18.34 -16.89
N LEU A 79 18.56 -18.17 -18.12
CA LEU A 79 17.29 -18.72 -18.57
C LEU A 79 17.52 -20.06 -19.26
N TYR A 80 16.47 -20.89 -19.28
CA TYR A 80 16.59 -22.24 -19.80
C TYR A 80 15.38 -22.59 -20.64
N LEU A 81 15.57 -23.54 -21.56
CA LEU A 81 14.48 -24.13 -22.32
C LEU A 81 14.93 -25.54 -22.73
N GLN A 82 14.39 -26.55 -22.05
CA GLN A 82 14.73 -27.92 -22.37
C GLN A 82 13.86 -28.42 -23.52
N MET A 83 14.48 -29.15 -24.44
CA MET A 83 13.82 -29.62 -25.65
C MET A 83 13.80 -31.15 -25.64
N ASN A 84 12.61 -31.73 -25.83
CA ASN A 84 12.43 -33.17 -25.83
C ASN A 84 11.60 -33.57 -27.04
N SER A 85 11.86 -34.77 -27.55
CA SER A 85 11.14 -35.35 -28.68
C SER A 85 11.13 -34.37 -29.86
N LEU A 86 12.32 -34.02 -30.31
CA LEU A 86 12.47 -33.04 -31.38
C LEU A 86 11.93 -33.59 -32.69
N ARG A 87 11.20 -32.75 -33.42
CA ARG A 87 10.67 -33.13 -34.71
C ARG A 87 11.49 -32.46 -35.81
N ALA A 88 11.07 -32.65 -37.07
CA ALA A 88 11.78 -32.07 -38.19
C ALA A 88 11.54 -30.57 -38.33
N GLU A 89 10.38 -30.09 -37.91
CA GLU A 89 10.03 -28.69 -38.05
C GLU A 89 10.70 -27.84 -36.97
N ASP A 90 11.28 -28.48 -35.94
CA ASP A 90 11.79 -27.74 -34.80
C ASP A 90 13.11 -27.03 -35.06
N THR A 91 13.72 -27.23 -36.24
CA THR A 91 14.96 -26.53 -36.56
C THR A 91 14.69 -25.05 -36.82
N ALA A 92 15.45 -24.20 -36.13
CA ALA A 92 15.22 -22.75 -36.17
C ALA A 92 16.36 -22.05 -35.45
N VAL A 93 16.26 -20.72 -35.35
CA VAL A 93 17.11 -19.91 -34.48
C VAL A 93 16.27 -19.47 -33.29
N TYR A 94 16.72 -19.82 -32.10
CA TYR A 94 16.00 -19.51 -30.87
C TYR A 94 16.52 -18.20 -30.28
N TYR A 95 15.61 -17.25 -30.06
CA TYR A 95 15.94 -15.96 -29.48
C TYR A 95 15.35 -15.85 -28.08
N CYS A 96 16.15 -15.36 -27.14
CA CYS A 96 15.69 -15.05 -25.80
C CYS A 96 15.55 -13.55 -25.65
N ALA A 97 14.38 -13.10 -25.22
CA ALA A 97 14.07 -11.69 -25.09
C ALA A 97 13.67 -11.38 -23.66
N ARG A 98 13.40 -10.10 -23.39
CA ARG A 98 13.00 -9.63 -22.08
C ARG A 98 11.65 -8.94 -22.18
N ASP A 99 10.72 -9.33 -21.31
CA ASP A 99 9.40 -8.74 -21.28
C ASP A 99 9.47 -7.36 -20.63
N GLY A 100 8.90 -6.37 -21.29
CA GLY A 100 8.97 -5.00 -20.81
C GLY A 100 7.67 -4.49 -20.23
N LEU A 101 6.85 -5.40 -19.69
CA LEU A 101 5.57 -5.05 -19.12
C LEU A 101 5.48 -5.62 -17.70
N ASP A 102 4.39 -5.28 -17.02
CA ASP A 102 4.23 -5.62 -15.61
C ASP A 102 3.81 -7.07 -15.38
N LEU A 103 3.50 -7.81 -16.45
CA LEU A 103 3.22 -9.25 -16.41
C LEU A 103 1.87 -9.57 -15.79
N GLU A 104 1.17 -8.58 -15.23
CA GLU A 104 -0.12 -8.81 -14.59
C GLU A 104 -1.26 -8.13 -15.34
N TRP A 105 -1.20 -6.82 -15.51
CA TRP A 105 -2.18 -6.14 -16.34
C TRP A 105 -1.94 -6.47 -17.81
N LEU A 106 -0.68 -6.50 -18.22
CA LEU A 106 -0.29 -6.83 -19.59
C LEU A 106 0.99 -7.62 -19.56
N PHE A 107 1.19 -8.44 -20.60
CA PHE A 107 2.43 -9.18 -20.78
C PHE A 107 2.69 -9.31 -22.28
N GLY A 108 3.77 -9.97 -22.64
CA GLY A 108 4.19 -9.91 -24.03
C GLY A 108 5.44 -9.09 -24.29
N LEU A 109 5.25 -7.83 -24.66
CA LEU A 109 6.22 -6.99 -25.37
C LEU A 109 7.69 -7.22 -25.03
N PHE A 110 8.50 -7.37 -26.07
CA PHE A 110 9.94 -7.57 -25.95
C PHE A 110 10.66 -6.24 -26.11
N ASP A 111 11.57 -5.95 -25.18
CA ASP A 111 12.35 -4.73 -25.25
C ASP A 111 13.77 -4.95 -25.76
N TYR A 112 14.40 -6.07 -25.41
CA TYR A 112 15.76 -6.36 -25.86
C TYR A 112 15.86 -7.83 -26.20
N TRP A 113 16.46 -8.13 -27.35
CA TRP A 113 16.63 -9.50 -27.84
C TRP A 113 18.07 -9.93 -27.68
N GLY A 114 18.29 -11.24 -27.86
CA GLY A 114 19.64 -11.77 -27.83
C GLY A 114 20.30 -11.74 -29.19
N GLN A 115 20.98 -12.81 -29.57
CA GLN A 115 21.55 -12.94 -30.90
C GLN A 115 20.99 -14.13 -31.67
N GLY A 116 20.92 -15.30 -31.04
CA GLY A 116 20.30 -16.45 -31.67
C GLY A 116 21.20 -17.64 -31.86
N THR A 117 20.61 -18.83 -32.00
CA THR A 117 21.37 -20.07 -32.19
C THR A 117 20.63 -20.98 -33.16
N LEU A 118 21.30 -21.35 -34.25
CA LEU A 118 20.78 -22.36 -35.16
C LEU A 118 20.83 -23.75 -34.54
N VAL A 119 19.75 -24.51 -34.71
CA VAL A 119 19.70 -25.92 -34.37
C VAL A 119 19.13 -26.67 -35.56
N THR A 120 19.74 -27.80 -35.91
CA THR A 120 19.32 -28.59 -37.06
C THR A 120 18.94 -29.99 -36.60
N VAL A 121 17.94 -30.55 -37.26
CA VAL A 121 17.40 -31.87 -36.93
C VAL A 121 17.37 -32.71 -38.20
N SER A 122 18.38 -33.57 -38.37
CA SER A 122 18.48 -34.49 -39.49
C SER A 122 19.56 -35.52 -39.14
N SER A 123 19.90 -36.36 -40.12
CA SER A 123 20.94 -37.35 -39.92
C SER A 123 21.99 -37.27 -41.02
N THR B 1 -32.94 -11.57 -12.28
CA THR B 1 -32.79 -11.55 -10.83
C THR B 1 -32.11 -12.82 -10.33
N ASN B 2 -30.93 -12.66 -9.74
CA ASN B 2 -30.15 -13.79 -9.24
C ASN B 2 -29.24 -13.29 -8.13
N LEU B 3 -28.69 -14.24 -7.38
CA LEU B 3 -27.77 -13.90 -6.31
C LEU B 3 -26.55 -13.18 -6.87
N CYS B 4 -26.08 -12.19 -6.13
CA CYS B 4 -25.03 -11.31 -6.63
C CYS B 4 -23.69 -12.02 -6.70
N PRO B 5 -22.74 -11.49 -7.48
CA PRO B 5 -21.44 -12.15 -7.63
C PRO B 5 -20.58 -12.17 -6.39
N PHE B 6 -21.12 -11.86 -5.21
CA PHE B 6 -20.31 -11.87 -4.01
C PHE B 6 -20.11 -13.30 -3.51
N GLY B 7 -19.70 -14.19 -4.42
CA GLY B 7 -19.34 -15.55 -4.05
C GLY B 7 -17.99 -15.94 -4.63
N GLU B 8 -17.56 -15.22 -5.66
CA GLU B 8 -16.28 -15.45 -6.30
C GLU B 8 -15.22 -14.44 -5.89
N VAL B 9 -15.62 -13.21 -5.56
CA VAL B 9 -14.66 -12.21 -5.09
C VAL B 9 -14.00 -12.67 -3.80
N PHE B 10 -14.78 -13.21 -2.88
CA PHE B 10 -14.24 -13.65 -1.60
C PHE B 10 -13.65 -15.05 -1.64
N ASN B 11 -13.80 -15.77 -2.75
CA ASN B 11 -13.43 -17.18 -2.77
C ASN B 11 -12.66 -17.56 -4.03
N ALA B 12 -12.08 -16.58 -4.73
CA ALA B 12 -11.29 -16.84 -5.93
C ALA B 12 -9.99 -17.54 -5.56
N THR B 13 -9.48 -18.33 -6.52
CA THR B 13 -8.25 -19.07 -6.28
C THR B 13 -7.03 -18.14 -6.34
N ARG B 14 -7.03 -17.19 -7.27
CA ARG B 14 -5.90 -16.29 -7.47
C ARG B 14 -6.34 -14.86 -7.21
N PHE B 15 -5.54 -14.13 -6.43
CA PHE B 15 -5.83 -12.75 -6.08
C PHE B 15 -4.78 -11.83 -6.70
N ALA B 16 -5.17 -10.58 -6.91
CA ALA B 16 -4.34 -9.61 -7.62
C ALA B 16 -3.39 -8.89 -6.67
N SER B 17 -2.27 -8.44 -7.24
CA SER B 17 -1.35 -7.59 -6.50
C SER B 17 -1.94 -6.19 -6.35
N VAL B 18 -1.28 -5.37 -5.52
CA VAL B 18 -1.86 -4.09 -5.12
C VAL B 18 -1.93 -3.12 -6.29
N TYR B 19 -0.84 -3.00 -7.05
CA TYR B 19 -0.79 -2.00 -8.10
C TYR B 19 -1.78 -2.32 -9.22
N ALA B 20 -1.82 -3.56 -9.65
CA ALA B 20 -2.73 -3.99 -10.71
C ALA B 20 -3.99 -4.61 -10.11
N TRP B 21 -4.69 -3.80 -9.31
CA TRP B 21 -5.88 -4.29 -8.63
C TRP B 21 -7.03 -4.45 -9.62
N ASN B 22 -7.70 -5.60 -9.57
CA ASN B 22 -8.83 -5.86 -10.44
C ASN B 22 -10.11 -5.31 -9.83
N ARG B 23 -10.97 -4.80 -10.70
CA ARG B 23 -12.23 -4.20 -10.30
C ARG B 23 -13.38 -4.92 -11.00
N LYS B 24 -14.42 -5.24 -10.24
CA LYS B 24 -15.62 -5.87 -10.77
C LYS B 24 -16.80 -4.92 -10.64
N ARG B 25 -17.68 -4.95 -11.63
CA ARG B 25 -18.93 -4.19 -11.60
C ARG B 25 -20.09 -5.15 -11.34
N ILE B 26 -20.92 -4.81 -10.35
CA ILE B 26 -22.03 -5.64 -9.94
C ILE B 26 -23.31 -4.84 -10.13
N SER B 27 -24.26 -5.38 -10.90
CA SER B 27 -25.49 -4.68 -11.21
C SER B 27 -26.59 -5.68 -11.52
N ASN B 28 -27.83 -5.23 -11.33
CA ASN B 28 -29.03 -5.99 -11.68
C ASN B 28 -29.05 -7.36 -11.00
N CYS B 29 -28.77 -7.36 -9.69
CA CYS B 29 -28.86 -8.57 -8.89
C CYS B 29 -29.48 -8.23 -7.54
N VAL B 30 -30.15 -9.21 -6.95
CA VAL B 30 -30.72 -9.03 -5.62
C VAL B 30 -29.62 -9.19 -4.59
N ALA B 31 -29.44 -8.16 -3.75
CA ALA B 31 -28.34 -8.16 -2.80
C ALA B 31 -28.54 -9.24 -1.74
N ASP B 32 -27.52 -10.08 -1.57
CA ASP B 32 -27.53 -11.15 -0.58
C ASP B 32 -26.28 -10.99 0.27
N TYR B 33 -26.40 -10.20 1.33
CA TYR B 33 -25.28 -9.89 2.20
C TYR B 33 -25.10 -10.91 3.32
N SER B 34 -25.92 -11.96 3.37
CA SER B 34 -25.87 -12.90 4.47
C SER B 34 -24.54 -13.62 4.58
N VAL B 35 -23.81 -13.77 3.47
CA VAL B 35 -22.51 -14.45 3.53
C VAL B 35 -21.50 -13.64 4.35
N LEU B 36 -21.58 -12.31 4.27
CA LEU B 36 -20.70 -11.48 5.08
C LEU B 36 -20.93 -11.71 6.57
N TYR B 37 -22.19 -11.77 6.98
CA TYR B 37 -22.51 -12.00 8.38
C TYR B 37 -22.14 -13.43 8.79
N ASN B 38 -22.08 -13.63 10.11
CA ASN B 38 -21.79 -14.92 10.75
C ASN B 38 -20.70 -15.71 10.04
N SER B 39 -19.64 -15.03 9.61
CA SER B 39 -18.51 -15.68 8.97
C SER B 39 -17.40 -16.06 9.95
N ALA B 40 -17.24 -15.29 11.03
CA ALA B 40 -16.28 -15.53 12.10
C ALA B 40 -14.83 -15.53 11.62
N SER B 41 -14.60 -15.13 10.37
CA SER B 41 -13.25 -15.08 9.82
C SER B 41 -12.84 -13.69 9.36
N PHE B 42 -13.79 -12.83 9.01
CA PHE B 42 -13.49 -11.47 8.57
C PHE B 42 -12.93 -10.70 9.77
N SER B 43 -11.62 -10.42 9.73
CA SER B 43 -10.95 -9.76 10.84
C SER B 43 -11.03 -8.24 10.77
N THR B 44 -11.72 -7.70 9.77
CA THR B 44 -11.91 -6.26 9.66
C THR B 44 -13.18 -6.01 8.84
N PHE B 45 -14.21 -5.50 9.49
CA PHE B 45 -15.47 -5.15 8.83
C PHE B 45 -15.78 -3.70 9.18
N LYS B 46 -15.33 -2.78 8.34
CA LYS B 46 -15.52 -1.35 8.56
C LYS B 46 -16.29 -0.75 7.40
N CYS B 47 -17.30 0.06 7.72
CA CYS B 47 -18.14 0.71 6.73
C CYS B 47 -18.12 2.21 6.95
N TYR B 48 -18.14 2.96 5.85
CA TYR B 48 -17.99 4.41 5.88
C TYR B 48 -19.19 5.06 5.21
N GLY B 49 -20.03 5.73 5.99
CA GLY B 49 -21.18 6.43 5.50
C GLY B 49 -22.47 5.65 5.57
N VAL B 50 -22.41 4.33 5.66
CA VAL B 50 -23.58 3.48 5.79
C VAL B 50 -23.27 2.41 6.83
N SER B 51 -24.24 2.14 7.71
CA SER B 51 -24.02 1.14 8.75
C SER B 51 -24.12 -0.26 8.17
N PRO B 52 -23.38 -1.23 8.74
CA PRO B 52 -23.44 -2.60 8.22
C PRO B 52 -24.73 -3.31 8.56
N THR B 53 -25.45 -2.86 9.59
CA THR B 53 -26.72 -3.47 9.95
C THR B 53 -27.89 -2.93 9.15
N LYS B 54 -27.66 -1.96 8.27
CA LYS B 54 -28.70 -1.34 7.47
C LYS B 54 -28.40 -1.48 5.97
N LEU B 55 -27.64 -2.50 5.62
CA LEU B 55 -27.27 -2.71 4.22
C LEU B 55 -28.42 -3.28 3.39
N ASN B 56 -29.40 -3.90 4.03
CA ASN B 56 -30.48 -4.59 3.32
C ASN B 56 -31.68 -3.69 3.04
N ASP B 57 -31.61 -2.40 3.38
CA ASP B 57 -32.72 -1.49 3.17
C ASP B 57 -32.28 -0.27 2.37
N LEU B 58 -31.20 -0.39 1.60
CA LEU B 58 -30.62 0.73 0.87
C LEU B 58 -30.54 0.40 -0.61
N CYS B 59 -30.86 1.39 -1.45
CA CYS B 59 -30.80 1.24 -2.90
C CYS B 59 -29.45 1.71 -3.39
N PHE B 60 -28.78 0.87 -4.19
CA PHE B 60 -27.47 1.18 -4.73
C PHE B 60 -27.50 1.01 -6.25
N THR B 61 -27.19 2.10 -6.96
CA THR B 61 -27.20 2.04 -8.43
C THR B 61 -26.11 1.11 -8.95
N ASN B 62 -24.88 1.29 -8.46
CA ASN B 62 -23.75 0.49 -8.93
C ASN B 62 -22.88 0.11 -7.74
N VAL B 63 -22.47 -1.16 -7.69
CA VAL B 63 -21.62 -1.68 -6.63
C VAL B 63 -20.32 -2.14 -7.27
N TYR B 64 -19.21 -1.56 -6.82
CA TYR B 64 -17.89 -1.88 -7.35
C TYR B 64 -17.14 -2.72 -6.32
N ALA B 65 -16.58 -3.84 -6.77
CA ALA B 65 -15.79 -4.73 -5.93
C ALA B 65 -14.32 -4.67 -6.36
N ASP B 66 -13.44 -4.35 -5.40
CA ASP B 66 -12.01 -4.24 -5.65
C ASP B 66 -11.29 -5.18 -4.70
N SER B 67 -10.25 -5.85 -5.20
CA SER B 67 -9.53 -6.87 -4.44
C SER B 67 -8.03 -6.62 -4.53
N PHE B 68 -7.36 -6.67 -3.38
CA PHE B 68 -5.91 -6.53 -3.29
C PHE B 68 -5.34 -7.68 -2.45
N VAL B 69 -4.03 -7.67 -2.29
CA VAL B 69 -3.32 -8.51 -1.32
C VAL B 69 -2.21 -7.64 -0.73
N ILE B 70 -2.36 -7.24 0.54
CA ILE B 70 -1.41 -6.32 1.15
C ILE B 70 -0.79 -6.97 2.38
N ARG B 71 0.10 -6.25 3.04
CA ARG B 71 0.73 -6.73 4.27
C ARG B 71 -0.20 -6.50 5.45
N GLY B 72 -0.12 -7.40 6.44
CA GLY B 72 -1.04 -7.34 7.56
C GLY B 72 -0.94 -6.06 8.35
N ASP B 73 0.27 -5.55 8.55
CA ASP B 73 0.49 -4.37 9.39
C ASP B 73 0.19 -3.06 8.67
N GLU B 74 -0.46 -3.10 7.50
CA GLU B 74 -0.81 -1.87 6.81
C GLU B 74 -2.22 -1.93 6.24
N VAL B 75 -3.12 -2.70 6.87
CA VAL B 75 -4.51 -2.72 6.45
C VAL B 75 -5.19 -1.40 6.79
N ARG B 76 -4.74 -0.73 7.86
CA ARG B 76 -5.33 0.53 8.30
C ARG B 76 -5.18 1.65 7.28
N GLN B 77 -4.29 1.51 6.30
CA GLN B 77 -4.12 2.55 5.29
C GLN B 77 -5.33 2.64 4.37
N ILE B 78 -6.14 1.59 4.29
CA ILE B 78 -7.25 1.55 3.34
C ILE B 78 -8.41 2.23 4.05
N ALA B 79 -8.50 3.54 3.86
CA ALA B 79 -9.51 4.37 4.50
C ALA B 79 -9.39 5.78 3.95
N PRO B 80 -10.47 6.56 3.99
CA PRO B 80 -10.38 7.97 3.59
C PRO B 80 -9.45 8.74 4.51
N GLY B 81 -8.72 9.70 3.93
CA GLY B 81 -7.84 10.54 4.72
C GLY B 81 -6.71 9.82 5.40
N GLN B 82 -6.06 8.89 4.70
CA GLN B 82 -4.91 8.18 5.22
C GLN B 82 -3.75 8.30 4.25
N THR B 83 -2.53 8.33 4.81
CA THR B 83 -1.32 8.52 4.03
C THR B 83 -0.36 7.36 4.25
N GLY B 84 0.38 7.03 3.20
CA GLY B 84 1.34 5.95 3.27
C GLY B 84 1.78 5.55 1.88
N LYS B 85 2.64 4.52 1.85
CA LYS B 85 3.13 4.01 0.57
C LYS B 85 2.00 3.45 -0.28
N ILE B 86 1.05 2.76 0.35
CA ILE B 86 -0.09 2.23 -0.38
C ILE B 86 -1.11 3.30 -0.71
N ALA B 87 -1.55 4.07 0.28
CA ALA B 87 -2.63 5.03 0.11
C ALA B 87 -2.24 6.25 -0.69
N ASP B 88 -0.98 6.36 -1.12
CA ASP B 88 -0.53 7.50 -1.91
C ASP B 88 0.00 7.13 -3.28
N TYR B 89 0.36 5.87 -3.52
CA TYR B 89 0.91 5.47 -4.82
C TYR B 89 0.17 4.29 -5.43
N ASN B 90 -0.40 3.43 -4.59
CA ASN B 90 -1.01 2.18 -5.07
C ASN B 90 -2.53 2.29 -5.17
N TYR B 91 -3.19 2.61 -4.06
CA TYR B 91 -4.64 2.72 -4.02
C TYR B 91 -5.00 4.04 -3.35
N LYS B 92 -6.22 4.51 -3.61
CA LYS B 92 -6.68 5.74 -2.99
C LYS B 92 -8.20 5.74 -2.94
N LEU B 93 -8.74 6.22 -1.82
CA LEU B 93 -10.17 6.40 -1.63
C LEU B 93 -10.44 7.87 -1.34
N PRO B 94 -11.46 8.47 -1.95
CA PRO B 94 -11.74 9.89 -1.68
C PRO B 94 -12.22 10.10 -0.26
N ASP B 95 -12.19 11.37 0.15
CA ASP B 95 -12.59 11.74 1.51
C ASP B 95 -14.07 11.54 1.77
N ASP B 96 -14.87 11.30 0.74
CA ASP B 96 -16.29 11.07 0.90
C ASP B 96 -16.64 9.64 0.48
N PHE B 97 -15.81 8.68 0.88
CA PHE B 97 -16.00 7.29 0.48
C PHE B 97 -17.27 6.73 1.12
N THR B 98 -18.09 6.07 0.30
CA THR B 98 -19.36 5.50 0.73
C THR B 98 -19.32 4.01 0.41
N GLY B 99 -18.84 3.20 1.34
CA GLY B 99 -18.79 1.77 1.13
C GLY B 99 -18.28 1.05 2.35
N CYS B 100 -18.07 -0.25 2.18
CA CYS B 100 -17.53 -1.11 3.23
C CYS B 100 -16.27 -1.79 2.73
N VAL B 101 -15.24 -1.81 3.57
CA VAL B 101 -13.98 -2.48 3.27
C VAL B 101 -13.82 -3.65 4.24
N ILE B 102 -13.39 -4.79 3.71
CA ILE B 102 -13.26 -6.02 4.47
C ILE B 102 -11.89 -6.62 4.18
N ALA B 103 -11.31 -7.27 5.20
CA ALA B 103 -10.02 -7.93 5.03
C ALA B 103 -9.92 -9.08 6.03
N TRP B 104 -9.54 -10.25 5.53
CA TRP B 104 -9.29 -11.43 6.37
C TRP B 104 -7.86 -11.91 6.14
N ASN B 105 -7.53 -13.04 6.76
CA ASN B 105 -6.17 -13.55 6.76
C ASN B 105 -6.02 -14.71 5.78
N SER B 106 -4.86 -14.78 5.14
CA SER B 106 -4.51 -15.86 4.22
C SER B 106 -3.10 -16.36 4.53
N ASN B 107 -2.87 -16.69 5.81
CA ASN B 107 -1.53 -17.11 6.23
C ASN B 107 -1.09 -18.35 5.49
N ASN B 108 -1.97 -19.33 5.33
CA ASN B 108 -1.71 -20.44 4.42
C ASN B 108 -2.87 -20.51 3.44
N LEU B 109 -2.86 -19.58 2.48
CA LEU B 109 -3.50 -19.73 1.18
C LEU B 109 -2.68 -19.12 0.06
N ASP B 110 -1.80 -18.17 0.36
CA ASP B 110 -0.97 -17.49 -0.63
C ASP B 110 0.52 -17.65 -0.33
N SER B 111 0.88 -18.12 0.86
CA SER B 111 2.26 -18.24 1.28
C SER B 111 2.75 -19.66 1.08
N LYS B 112 4.01 -19.79 0.63
CA LYS B 112 4.62 -21.09 0.38
C LYS B 112 6.02 -21.10 0.98
N VAL B 113 6.49 -22.30 1.29
CA VAL B 113 7.82 -22.45 1.88
C VAL B 113 8.87 -21.93 0.92
N GLY B 114 9.79 -21.11 1.43
CA GLY B 114 10.78 -20.46 0.62
C GLY B 114 10.42 -19.05 0.17
N GLY B 115 9.17 -18.63 0.36
CA GLY B 115 8.77 -17.28 0.03
C GLY B 115 8.03 -17.14 -1.27
N ASN B 116 6.80 -16.63 -1.22
CA ASN B 116 6.00 -16.36 -2.42
C ASN B 116 6.27 -14.92 -2.83
N TYR B 117 7.09 -14.74 -3.86
CA TYR B 117 7.48 -13.41 -4.34
C TYR B 117 6.54 -12.90 -5.44
N ASN B 118 5.32 -13.42 -5.50
CA ASN B 118 4.42 -13.05 -6.60
C ASN B 118 3.84 -11.65 -6.41
N TYR B 119 3.54 -11.28 -5.17
CA TYR B 119 2.82 -10.04 -4.90
C TYR B 119 3.79 -8.87 -4.81
N ARG B 120 3.52 -7.82 -5.58
CA ARG B 120 4.39 -6.66 -5.68
C ARG B 120 3.59 -5.38 -5.45
N TYR B 121 4.31 -4.30 -5.18
CA TYR B 121 3.69 -3.01 -4.92
C TYR B 121 4.58 -1.90 -5.45
N ARG B 122 3.96 -0.74 -5.71
CA ARG B 122 4.68 0.43 -6.17
C ARG B 122 5.46 1.04 -5.01
N LEU B 123 6.75 1.29 -5.23
CA LEU B 123 7.61 1.88 -4.21
C LEU B 123 8.10 3.27 -4.56
N PHE B 124 8.10 3.65 -5.83
CA PHE B 124 8.58 4.95 -6.27
C PHE B 124 7.55 5.59 -7.18
N ARG B 125 7.21 6.84 -6.90
CA ARG B 125 6.32 7.60 -7.78
C ARG B 125 6.53 9.08 -7.52
N LYS B 126 6.39 9.88 -8.58
CA LYS B 126 6.69 11.30 -8.49
C LYS B 126 5.66 12.05 -7.67
N SER B 127 4.38 11.79 -7.92
CA SER B 127 3.31 12.57 -7.33
C SER B 127 2.37 11.68 -6.53
N ASN B 128 1.26 12.27 -6.08
CA ASN B 128 0.26 11.57 -5.29
C ASN B 128 -0.81 11.01 -6.23
N LEU B 129 -1.14 9.74 -6.06
CA LEU B 129 -2.16 9.12 -6.89
C LEU B 129 -3.52 9.76 -6.67
N LYS B 130 -4.22 10.05 -7.75
CA LYS B 130 -5.58 10.55 -7.65
C LYS B 130 -6.51 9.44 -7.16
N PRO B 131 -7.60 9.80 -6.48
CA PRO B 131 -8.47 8.77 -5.91
C PRO B 131 -9.09 7.86 -6.98
N PHE B 132 -9.21 6.58 -6.64
CA PHE B 132 -9.83 5.58 -7.50
C PHE B 132 -9.16 5.52 -8.87
N GLU B 133 -7.84 5.63 -8.89
CA GLU B 133 -7.06 5.57 -10.11
C GLU B 133 -6.00 4.49 -9.99
N ARG B 134 -5.75 3.80 -11.09
CA ARG B 134 -4.78 2.71 -11.15
C ARG B 134 -3.71 3.10 -12.17
N ASP B 135 -2.58 3.61 -11.68
CA ASP B 135 -1.45 3.97 -12.52
C ASP B 135 -0.51 2.77 -12.59
N ILE B 136 -0.40 2.17 -13.77
CA ILE B 136 0.47 1.02 -13.99
C ILE B 136 1.52 1.41 -15.01
N SER B 137 2.79 1.19 -14.66
CA SER B 137 3.89 1.55 -15.54
C SER B 137 5.13 0.77 -15.13
N THR B 138 6.06 0.63 -16.07
CA THR B 138 7.35 0.02 -15.82
C THR B 138 8.49 1.00 -16.09
N GLU B 139 8.16 2.24 -16.48
CA GLU B 139 9.16 3.26 -16.73
C GLU B 139 10.01 3.46 -15.48
N ILE B 140 11.33 3.46 -15.66
CA ILE B 140 12.24 3.45 -14.52
C ILE B 140 12.29 4.86 -13.92
N TYR B 141 12.15 4.93 -12.60
CA TYR B 141 12.05 6.21 -11.91
C TYR B 141 13.38 6.96 -11.98
N GLN B 142 13.31 8.25 -12.30
CA GLN B 142 14.48 9.12 -12.36
C GLN B 142 14.52 9.92 -11.06
N ALA B 143 15.41 9.52 -10.15
CA ALA B 143 15.50 10.18 -8.85
C ALA B 143 16.25 11.50 -8.93
N GLY B 144 17.28 11.58 -9.78
CA GLY B 144 18.08 12.77 -9.89
C GLY B 144 17.66 13.67 -11.04
N SER B 145 18.54 14.61 -11.37
CA SER B 145 18.29 15.56 -12.45
C SER B 145 18.86 15.10 -13.79
N LYS B 146 19.57 13.98 -13.83
CA LYS B 146 20.12 13.48 -15.08
C LYS B 146 19.16 12.49 -15.72
N PRO B 147 18.68 12.73 -16.93
CA PRO B 147 17.76 11.79 -17.58
C PRO B 147 18.38 10.39 -17.67
N CYS B 148 17.55 9.39 -17.40
CA CYS B 148 17.98 7.99 -17.39
C CYS B 148 17.19 7.23 -18.44
N ASN B 149 17.88 6.44 -19.26
CA ASN B 149 17.28 5.75 -20.39
C ASN B 149 17.51 4.25 -20.25
N GLY B 150 16.54 3.55 -19.67
CA GLY B 150 16.55 2.10 -19.66
C GLY B 150 17.49 1.45 -18.67
N VAL B 151 18.72 1.98 -18.59
CA VAL B 151 19.73 1.37 -17.73
C VAL B 151 19.28 1.39 -16.27
N GLU B 152 19.81 0.44 -15.49
CA GLU B 152 19.58 0.39 -14.05
C GLU B 152 20.93 0.49 -13.35
N GLY B 153 21.18 1.64 -12.72
CA GLY B 153 22.40 1.86 -11.97
C GLY B 153 22.16 2.81 -10.84
N PHE B 154 23.13 3.68 -10.58
CA PHE B 154 22.92 4.71 -9.57
C PHE B 154 21.88 5.72 -10.04
N ASN B 155 21.04 6.16 -9.11
CA ASN B 155 20.03 7.19 -9.38
C ASN B 155 19.07 6.73 -10.49
N CYS B 156 18.84 5.41 -10.56
CA CYS B 156 17.97 4.85 -11.59
C CYS B 156 17.47 3.52 -11.05
N TYR B 157 16.21 3.50 -10.59
CA TYR B 157 15.70 2.38 -9.81
C TYR B 157 14.35 1.91 -10.35
N PHE B 158 14.09 0.61 -10.17
CA PHE B 158 12.85 0.03 -10.62
C PHE B 158 11.69 0.47 -9.71
N PRO B 159 10.49 0.65 -10.26
CA PRO B 159 9.38 1.16 -9.45
C PRO B 159 8.68 0.13 -8.60
N LEU B 160 8.81 -1.16 -8.90
CA LEU B 160 8.03 -2.20 -8.24
C LEU B 160 8.92 -3.03 -7.32
N GLN B 161 8.39 -3.36 -6.14
CA GLN B 161 9.09 -4.16 -5.14
C GLN B 161 8.18 -5.31 -4.71
N SER B 162 8.77 -6.48 -4.56
CA SER B 162 8.03 -7.69 -4.21
C SER B 162 7.97 -7.89 -2.70
N TYR B 163 6.88 -8.48 -2.24
CA TYR B 163 6.75 -8.86 -0.84
C TYR B 163 7.58 -10.10 -0.54
N GLY B 164 7.51 -10.56 0.71
CA GLY B 164 8.32 -11.67 1.15
C GLY B 164 7.58 -12.68 2.02
N PHE B 165 6.30 -12.91 1.73
CA PHE B 165 5.47 -13.75 2.59
C PHE B 165 6.07 -15.15 2.74
N GLN B 166 6.05 -15.64 3.98
CA GLN B 166 6.70 -16.88 4.35
C GLN B 166 5.82 -17.61 5.36
N PRO B 167 6.01 -18.93 5.53
CA PRO B 167 5.21 -19.66 6.52
C PRO B 167 5.40 -19.16 7.94
N THR B 168 6.66 -19.13 8.40
CA THR B 168 6.98 -18.66 9.75
C THR B 168 7.32 -17.19 9.66
N ASN B 169 6.29 -16.35 9.80
CA ASN B 169 6.45 -14.91 9.68
C ASN B 169 5.46 -14.25 10.64
N GLY B 170 5.79 -13.03 11.05
CA GLY B 170 4.97 -12.34 12.03
C GLY B 170 3.58 -12.02 11.51
N VAL B 171 2.68 -11.79 12.46
CA VAL B 171 1.28 -11.55 12.12
C VAL B 171 1.13 -10.27 11.31
N GLY B 172 1.82 -9.21 11.72
CA GLY B 172 1.71 -7.96 10.99
C GLY B 172 2.33 -8.01 9.61
N TYR B 173 3.30 -8.90 9.41
CA TYR B 173 3.96 -9.06 8.12
C TYR B 173 3.39 -10.24 7.33
N GLN B 174 2.19 -10.71 7.68
CA GLN B 174 1.55 -11.81 6.98
C GLN B 174 0.59 -11.28 5.94
N PRO B 175 0.38 -12.03 4.85
CA PRO B 175 -0.50 -11.54 3.77
C PRO B 175 -1.94 -11.44 4.21
N TYR B 176 -2.63 -10.45 3.65
CA TYR B 176 -4.04 -10.21 3.91
C TYR B 176 -4.76 -10.01 2.59
N ARG B 177 -5.94 -10.62 2.46
CA ARG B 177 -6.80 -10.42 1.30
C ARG B 177 -7.86 -9.39 1.68
N VAL B 178 -7.88 -8.27 0.97
CA VAL B 178 -8.71 -7.13 1.31
C VAL B 178 -9.64 -6.84 0.14
N VAL B 179 -10.93 -6.64 0.45
CA VAL B 179 -11.96 -6.36 -0.54
C VAL B 179 -12.62 -5.03 -0.20
N VAL B 180 -12.93 -4.25 -1.22
CA VAL B 180 -13.60 -2.96 -1.07
C VAL B 180 -14.86 -2.98 -1.92
N LEU B 181 -16.00 -2.71 -1.30
CA LEU B 181 -17.30 -2.66 -1.97
C LEU B 181 -17.82 -1.23 -1.89
N SER B 182 -17.47 -0.42 -2.88
CA SER B 182 -17.89 0.98 -2.92
C SER B 182 -19.35 1.04 -3.38
N PHE B 183 -20.25 1.38 -2.46
CA PHE B 183 -21.67 1.50 -2.77
C PHE B 183 -21.97 2.90 -3.31
N GLU B 184 -21.34 3.21 -4.44
CA GLU B 184 -21.46 4.53 -5.04
C GLU B 184 -22.90 4.78 -5.49
N LEU B 185 -23.35 6.02 -5.34
CA LEU B 185 -24.66 6.45 -5.78
C LEU B 185 -24.52 7.53 -6.83
N LEU B 186 -25.28 7.38 -7.92
CA LEU B 186 -25.18 8.28 -9.06
C LEU B 186 -26.43 9.13 -9.18
N HIS B 187 -26.27 10.33 -9.75
CA HIS B 187 -27.40 11.20 -10.00
C HIS B 187 -28.37 10.60 -11.01
N ALA B 188 -27.91 9.65 -11.82
CA ALA B 188 -28.81 8.92 -12.70
C ALA B 188 -29.78 8.08 -11.88
N PRO B 189 -30.96 7.78 -12.41
CA PRO B 189 -31.94 7.01 -11.63
C PRO B 189 -31.38 5.66 -11.20
N ALA B 190 -31.70 5.29 -9.97
CA ALA B 190 -31.21 4.04 -9.39
C ALA B 190 -31.96 2.88 -10.04
N THR B 191 -31.35 2.29 -11.07
CA THR B 191 -31.99 1.19 -11.77
C THR B 191 -32.18 -0.02 -10.85
N VAL B 192 -31.23 -0.24 -9.94
CA VAL B 192 -31.25 -1.39 -9.03
C VAL B 192 -31.37 -0.86 -7.60
N CYS B 193 -32.33 -1.38 -6.85
CA CYS B 193 -32.49 -1.07 -5.44
C CYS B 193 -32.69 -2.36 -4.66
N GLY B 194 -32.19 -2.36 -3.43
CA GLY B 194 -32.31 -3.52 -2.56
C GLY B 194 -31.44 -4.68 -2.99
N ILE C 2 -5.65 -12.76 -33.61
CA ILE C 2 -5.23 -14.14 -33.83
C ILE C 2 -4.46 -14.23 -35.15
N VAL C 3 -4.94 -13.53 -36.17
CA VAL C 3 -4.29 -13.48 -37.46
C VAL C 3 -3.88 -12.04 -37.73
N LEU C 4 -2.77 -11.88 -38.46
CA LEU C 4 -2.27 -10.56 -38.84
C LEU C 4 -1.89 -10.57 -40.31
N THR C 5 -2.12 -9.44 -40.97
CA THR C 5 -1.86 -9.31 -42.40
C THR C 5 -1.11 -8.02 -42.67
N GLN C 6 -0.08 -8.10 -43.49
CA GLN C 6 0.69 -6.93 -43.91
C GLN C 6 0.73 -6.87 -45.43
N SER C 7 0.43 -5.70 -45.98
CA SER C 7 0.40 -5.52 -47.42
C SER C 7 0.74 -4.07 -47.75
N PRO C 8 1.56 -3.84 -48.78
CA PRO C 8 2.23 -4.82 -49.64
C PRO C 8 3.46 -5.42 -48.98
N GLY C 9 3.78 -6.68 -49.27
CA GLY C 9 4.96 -7.30 -48.67
C GLY C 9 6.27 -6.83 -49.26
N THR C 10 6.25 -6.30 -50.49
CA THR C 10 7.45 -5.80 -51.15
C THR C 10 7.15 -4.40 -51.65
N LEU C 11 7.70 -3.39 -50.98
CA LEU C 11 7.48 -1.99 -51.32
C LEU C 11 8.73 -1.45 -52.00
N SER C 12 8.54 -0.89 -53.20
CA SER C 12 9.65 -0.33 -53.98
C SER C 12 9.69 1.17 -53.74
N LEU C 13 10.74 1.64 -53.06
CA LEU C 13 10.89 3.05 -52.75
C LEU C 13 12.34 3.47 -52.90
N SER C 14 12.55 4.62 -53.54
CA SER C 14 13.88 5.19 -53.67
C SER C 14 14.33 5.75 -52.33
N PRO C 15 15.65 5.96 -52.16
CA PRO C 15 16.13 6.54 -50.89
C PRO C 15 15.51 7.90 -50.63
N GLY C 16 15.27 8.18 -49.36
CA GLY C 16 14.61 9.40 -48.95
C GLY C 16 13.10 9.29 -49.01
N GLU C 17 12.45 10.31 -49.58
CA GLU C 17 11.00 10.38 -49.79
C GLU C 17 10.19 9.90 -48.60
N ARG C 18 9.04 9.28 -48.85
CA ARG C 18 8.11 8.88 -47.80
C ARG C 18 7.79 7.41 -47.93
N ALA C 19 7.54 6.77 -46.78
CA ALA C 19 7.22 5.36 -46.71
C ALA C 19 5.96 5.15 -45.89
N THR C 20 5.20 4.12 -46.25
CA THR C 20 3.97 3.76 -45.56
C THR C 20 3.88 2.26 -45.40
N LEU C 21 3.44 1.82 -44.22
CA LEU C 21 3.25 0.41 -43.91
C LEU C 21 1.90 0.22 -43.23
N SER C 22 1.47 -1.03 -43.14
CA SER C 22 0.16 -1.32 -42.55
C SER C 22 0.18 -2.74 -41.97
N CYS C 23 -0.58 -2.90 -40.88
CA CYS C 23 -0.73 -4.17 -40.16
C CYS C 23 -2.21 -4.42 -39.89
N ARG C 24 -3.04 -4.29 -40.93
CA ARG C 24 -4.47 -4.46 -40.76
C ARG C 24 -4.79 -5.92 -40.42
N ALA C 25 -5.76 -6.10 -39.53
CA ALA C 25 -6.21 -7.43 -39.13
C ALA C 25 -7.55 -7.30 -38.40
N SER C 26 -8.37 -8.33 -38.53
CA SER C 26 -9.64 -8.37 -37.82
C SER C 26 -9.39 -8.63 -36.33
N GLN C 27 -10.48 -8.76 -35.58
CA GLN C 27 -10.43 -8.97 -34.12
C GLN C 27 -9.65 -7.82 -33.47
N SER C 28 -10.27 -6.65 -33.52
CA SER C 28 -9.67 -5.39 -33.09
C SER C 28 -8.90 -5.53 -31.79
N VAL C 29 -7.80 -4.77 -31.68
CA VAL C 29 -6.89 -4.91 -30.56
C VAL C 29 -7.60 -4.61 -29.24
N SER C 30 -6.99 -5.04 -28.14
CA SER C 30 -7.60 -4.89 -26.83
C SER C 30 -7.82 -3.42 -26.49
N SER C 31 -6.73 -2.66 -26.31
CA SER C 31 -6.85 -1.21 -26.21
C SER C 31 -6.08 -0.50 -27.32
N SER C 32 -4.75 -0.65 -27.37
CA SER C 32 -3.96 -0.10 -28.47
C SER C 32 -2.77 -1.00 -28.80
N TYR C 33 -2.81 -2.26 -28.40
CA TYR C 33 -1.61 -3.10 -28.35
C TYR C 33 -1.29 -3.65 -29.73
N LEU C 34 -0.58 -2.83 -30.51
CA LEU C 34 0.14 -3.30 -31.70
C LEU C 34 1.53 -2.71 -31.67
N ALA C 35 2.54 -3.56 -31.81
CA ALA C 35 3.93 -3.14 -31.75
C ALA C 35 4.60 -3.34 -33.11
N TRP C 36 5.74 -2.68 -33.29
CA TRP C 36 6.52 -2.77 -34.51
C TRP C 36 7.96 -3.11 -34.18
N TYR C 37 8.58 -3.90 -35.06
CA TYR C 37 9.97 -4.33 -34.89
C TYR C 37 10.74 -4.12 -36.19
N GLN C 38 12.05 -3.99 -36.05
CA GLN C 38 12.96 -3.82 -37.17
C GLN C 38 13.97 -4.96 -37.15
N GLN C 39 14.23 -5.54 -38.33
CA GLN C 39 15.16 -6.67 -38.43
C GLN C 39 16.08 -6.45 -39.62
N LYS C 40 17.28 -5.94 -39.35
CA LYS C 40 18.35 -5.96 -40.33
C LYS C 40 18.77 -7.40 -40.59
N PRO C 41 19.23 -7.73 -41.82
CA PRO C 41 19.53 -9.11 -42.19
C PRO C 41 20.62 -9.74 -41.34
N GLY C 42 20.31 -10.92 -40.81
CA GLY C 42 21.30 -11.66 -40.05
C GLY C 42 21.50 -11.20 -38.64
N GLN C 43 20.66 -10.30 -38.13
CA GLN C 43 20.77 -9.78 -36.78
C GLN C 43 19.40 -9.84 -36.11
N ALA C 44 19.42 -9.90 -34.78
CA ALA C 44 18.18 -10.03 -34.02
C ALA C 44 17.32 -8.78 -34.18
N PRO C 45 16.00 -8.92 -34.20
CA PRO C 45 15.13 -7.75 -34.39
C PRO C 45 15.14 -6.83 -33.17
N ARG C 46 14.81 -5.57 -33.43
CA ARG C 46 14.73 -4.55 -32.40
C ARG C 46 13.42 -3.79 -32.53
N LEU C 47 12.86 -3.39 -31.39
CA LEU C 47 11.58 -2.70 -31.38
C LEU C 47 11.74 -1.23 -31.75
N LEU C 48 10.73 -0.71 -32.43
CA LEU C 48 10.69 0.71 -32.78
C LEU C 48 9.55 1.44 -32.10
N ILE C 49 8.31 0.96 -32.26
CA ILE C 49 7.12 1.65 -31.76
C ILE C 49 6.30 0.66 -30.95
N TYR C 50 5.90 1.06 -29.74
CA TYR C 50 5.05 0.25 -28.88
C TYR C 50 3.88 1.09 -28.39
N GLY C 51 2.74 0.42 -28.17
CA GLY C 51 1.52 1.12 -27.85
C GLY C 51 0.83 1.75 -29.04
N ALA C 52 1.28 1.44 -30.26
CA ALA C 52 0.72 1.90 -31.53
C ALA C 52 1.01 3.37 -31.78
N SER C 53 1.54 4.08 -30.79
CA SER C 53 2.10 5.41 -31.02
C SER C 53 3.06 5.73 -29.86
N SER C 54 4.35 5.48 -30.08
CA SER C 54 5.40 5.83 -29.14
C SER C 54 6.74 5.53 -29.81
N ARG C 55 7.83 5.70 -29.05
CA ARG C 55 9.15 5.36 -29.51
C ARG C 55 9.90 4.67 -28.38
N ALA C 56 10.62 3.61 -28.71
CA ALA C 56 11.43 2.91 -27.71
C ALA C 56 12.70 3.72 -27.43
N THR C 57 13.42 3.32 -26.38
CA THR C 57 14.62 4.04 -25.97
C THR C 57 15.71 3.82 -27.00
N GLY C 58 15.91 4.81 -27.87
CA GLY C 58 16.91 4.71 -28.91
C GLY C 58 16.31 4.63 -30.30
N ILE C 59 15.11 5.16 -30.47
CA ILE C 59 14.40 5.18 -31.74
C ILE C 59 14.37 6.62 -32.25
N PRO C 60 14.99 6.92 -33.39
CA PRO C 60 15.03 8.31 -33.88
C PRO C 60 13.63 8.84 -34.15
N ASP C 61 13.55 10.18 -34.23
CA ASP C 61 12.28 10.86 -34.40
C ASP C 61 11.66 10.64 -35.78
N ARG C 62 12.40 10.03 -36.72
CA ARG C 62 11.86 9.82 -38.06
C ARG C 62 10.89 8.65 -38.13
N PHE C 63 10.71 7.90 -37.05
CA PHE C 63 9.73 6.81 -36.99
C PHE C 63 8.52 7.27 -36.20
N SER C 64 7.33 7.13 -36.81
CA SER C 64 6.09 7.53 -36.19
C SER C 64 5.05 6.43 -36.36
N GLY C 65 4.18 6.30 -35.37
CA GLY C 65 3.14 5.27 -35.37
C GLY C 65 1.77 5.88 -35.19
N SER C 66 0.78 5.30 -35.87
CA SER C 66 -0.60 5.78 -35.79
C SER C 66 -1.53 4.64 -36.13
N GLY C 67 -2.71 4.63 -35.50
CA GLY C 67 -3.70 3.60 -35.77
C GLY C 67 -4.54 3.26 -34.57
N SER C 68 -5.83 3.01 -34.79
CA SER C 68 -6.75 2.70 -33.69
C SER C 68 -7.80 1.71 -34.18
N GLY C 69 -7.94 0.60 -33.48
CA GLY C 69 -8.95 -0.38 -33.80
C GLY C 69 -8.48 -1.48 -34.72
N THR C 70 -8.80 -1.36 -36.01
CA THR C 70 -8.46 -2.36 -37.01
C THR C 70 -7.27 -1.97 -37.88
N ASP C 71 -7.21 -0.71 -38.33
CA ASP C 71 -6.17 -0.26 -39.23
C ASP C 71 -5.06 0.44 -38.46
N PHE C 72 -3.82 0.13 -38.82
CA PHE C 72 -2.64 0.73 -38.22
C PHE C 72 -1.63 1.06 -39.30
N THR C 73 -0.77 2.04 -39.02
CA THR C 73 0.25 2.47 -39.95
C THR C 73 1.52 2.82 -39.21
N LEU C 74 2.65 2.62 -39.89
CA LEU C 74 3.96 3.07 -39.41
C LEU C 74 4.54 3.99 -40.47
N THR C 75 5.04 5.15 -40.04
CA THR C 75 5.48 6.20 -40.95
C THR C 75 6.95 6.52 -40.71
N ILE C 76 7.72 6.60 -41.79
CA ILE C 76 9.12 6.98 -41.75
C ILE C 76 9.34 8.12 -42.72
N SER C 77 10.07 9.14 -42.28
CA SER C 77 10.48 10.24 -43.15
C SER C 77 11.68 9.78 -43.98
N ARG C 78 12.40 10.73 -44.58
CA ARG C 78 13.52 10.43 -45.47
C ARG C 78 14.42 9.33 -44.93
N LEU C 79 14.56 8.25 -45.71
CA LEU C 79 15.22 7.05 -45.24
C LEU C 79 16.72 7.15 -45.42
N GLU C 80 17.46 7.12 -44.32
CA GLU C 80 18.90 6.99 -44.39
C GLU C 80 19.26 5.61 -44.94
N PRO C 81 20.41 5.46 -45.58
CA PRO C 81 20.74 4.18 -46.23
C PRO C 81 21.07 3.07 -45.24
N GLU C 82 20.25 2.94 -44.20
CA GLU C 82 20.31 1.80 -43.30
C GLU C 82 18.94 1.28 -42.90
N ASP C 83 17.87 2.03 -43.13
CA ASP C 83 16.52 1.59 -42.76
C ASP C 83 15.83 0.88 -43.92
N PHE C 84 16.52 -0.09 -44.50
CA PHE C 84 16.00 -0.91 -45.61
C PHE C 84 16.11 -2.36 -45.15
N ALA C 85 15.07 -2.84 -44.47
CA ALA C 85 15.07 -4.17 -43.90
C ALA C 85 13.62 -4.64 -43.76
N VAL C 86 13.46 -5.81 -43.16
CA VAL C 86 12.14 -6.40 -42.97
C VAL C 86 11.61 -6.00 -41.59
N TYR C 87 10.37 -5.51 -41.56
CA TYR C 87 9.72 -5.09 -40.33
C TYR C 87 8.66 -6.10 -39.94
N TYR C 88 8.36 -6.14 -38.63
CA TYR C 88 7.38 -7.07 -38.10
C TYR C 88 6.42 -6.34 -37.17
N CYS C 89 5.15 -6.70 -37.24
CA CYS C 89 4.08 -6.13 -36.42
C CYS C 89 3.46 -7.23 -35.56
N GLN C 90 3.22 -6.90 -34.28
CA GLN C 90 2.83 -7.90 -33.29
C GLN C 90 1.69 -7.39 -32.43
N GLN C 91 0.76 -8.29 -32.11
CA GLN C 91 -0.28 -8.05 -31.13
C GLN C 91 0.13 -8.66 -29.79
N TYR C 92 0.00 -7.87 -28.72
CA TYR C 92 0.34 -8.32 -27.38
C TYR C 92 -0.77 -7.91 -26.41
N GLY C 93 -0.53 -8.16 -25.13
CA GLY C 93 -1.40 -7.64 -24.10
C GLY C 93 -2.10 -8.67 -23.22
N SER C 94 -2.61 -9.74 -23.80
CA SER C 94 -3.39 -10.67 -23.00
C SER C 94 -3.46 -12.03 -23.70
N SER C 95 -3.55 -13.09 -22.89
CA SER C 95 -3.80 -14.46 -23.31
C SER C 95 -2.66 -15.02 -24.16
N PRO C 96 -2.66 -16.33 -24.46
CA PRO C 96 -1.60 -16.87 -25.33
C PRO C 96 -1.78 -16.51 -26.80
N GLU C 97 -2.63 -15.52 -27.09
CA GLU C 97 -2.88 -15.07 -28.45
C GLU C 97 -1.71 -14.30 -29.07
N LEU C 98 -0.53 -14.30 -28.44
CA LEU C 98 0.63 -13.58 -28.96
C LEU C 98 0.96 -14.05 -30.37
N THR C 99 0.77 -13.17 -31.36
CA THR C 99 0.99 -13.51 -32.75
C THR C 99 1.82 -12.43 -33.44
N PHE C 100 2.62 -12.86 -34.41
CA PHE C 100 3.40 -11.98 -35.25
C PHE C 100 2.81 -11.96 -36.65
N GLY C 101 3.09 -10.87 -37.37
CA GLY C 101 2.67 -10.77 -38.75
C GLY C 101 3.55 -11.57 -39.68
N GLY C 102 3.78 -11.06 -40.89
CA GLY C 102 4.64 -11.76 -41.84
C GLY C 102 5.96 -11.06 -42.07
N GLY C 103 6.07 -10.36 -43.20
CA GLY C 103 7.27 -9.63 -43.52
C GLY C 103 7.02 -8.54 -44.54
N THR C 104 7.63 -7.37 -44.34
CA THR C 104 7.41 -6.21 -45.19
C THR C 104 8.74 -5.56 -45.55
N LYS C 105 9.68 -6.38 -46.05
CA LYS C 105 10.97 -5.86 -46.47
C LYS C 105 10.80 -4.85 -47.60
N VAL C 106 11.67 -3.84 -47.61
CA VAL C 106 11.58 -2.74 -48.56
C VAL C 106 12.74 -2.82 -49.53
N GLU C 107 12.45 -2.50 -50.79
CA GLU C 107 13.42 -2.55 -51.87
C GLU C 107 14.20 -1.24 -51.94
N ILE C 108 15.47 -1.34 -52.36
CA ILE C 108 16.33 -0.17 -52.46
C ILE C 108 15.88 0.72 -53.63
N LYS C 109 15.60 0.12 -54.77
CA LYS C 109 15.34 0.87 -56.00
C LYS C 109 13.91 0.69 -56.48
N GLU D 1 -41.83 6.66 26.71
CA GLU D 1 -42.45 5.42 27.19
C GLU D 1 -41.49 4.25 27.04
N VAL D 2 -40.53 4.38 26.12
CA VAL D 2 -39.57 3.31 25.88
C VAL D 2 -38.56 3.30 27.02
N GLN D 3 -38.76 2.41 27.99
CA GLN D 3 -37.89 2.28 29.14
C GLN D 3 -36.98 1.08 28.96
N LEU D 4 -35.71 1.26 29.33
CA LEU D 4 -34.71 0.21 29.22
C LEU D 4 -34.09 -0.03 30.59
N VAL D 5 -34.72 -0.88 31.38
CA VAL D 5 -34.30 -1.15 32.76
C VAL D 5 -33.21 -2.21 32.71
N GLU D 6 -31.96 -1.77 32.78
CA GLU D 6 -30.83 -2.68 32.88
C GLU D 6 -30.72 -3.25 34.28
N SER D 7 -30.22 -4.48 34.38
CA SER D 7 -30.12 -5.15 35.67
C SER D 7 -29.00 -6.18 35.60
N GLY D 8 -28.52 -6.58 36.77
CA GLY D 8 -27.50 -7.61 36.86
C GLY D 8 -26.17 -7.13 37.40
N GLY D 9 -26.08 -5.84 37.70
CA GLY D 9 -24.83 -5.29 38.21
C GLY D 9 -24.55 -5.72 39.63
N GLY D 10 -23.28 -5.64 40.00
CA GLY D 10 -22.86 -5.99 41.35
C GLY D 10 -21.37 -6.23 41.40
N LEU D 11 -20.89 -6.39 42.63
CA LEU D 11 -19.49 -6.71 42.86
C LEU D 11 -19.16 -8.07 42.26
N VAL D 12 -18.03 -8.17 41.59
CA VAL D 12 -17.61 -9.39 40.91
C VAL D 12 -16.09 -9.52 41.01
N GLN D 13 -15.63 -10.72 41.35
CA GLN D 13 -14.20 -10.97 41.46
C GLN D 13 -13.53 -10.84 40.09
N PRO D 14 -12.26 -10.42 40.06
CA PRO D 14 -11.58 -10.27 38.77
C PRO D 14 -11.50 -11.59 38.02
N GLY D 15 -11.66 -11.51 36.71
CA GLY D 15 -11.71 -12.70 35.88
C GLY D 15 -13.00 -13.48 35.96
N GLY D 16 -14.03 -12.94 36.61
CA GLY D 16 -15.31 -13.61 36.75
C GLY D 16 -16.18 -13.46 35.51
N SER D 17 -17.48 -13.50 35.72
CA SER D 17 -18.43 -13.42 34.63
C SER D 17 -19.77 -12.91 35.16
N LEU D 18 -20.57 -12.35 34.25
CA LEU D 18 -21.92 -11.92 34.56
C LEU D 18 -22.78 -12.06 33.31
N ARG D 19 -24.09 -11.86 33.51
CA ARG D 19 -25.07 -11.89 32.41
C ARG D 19 -26.08 -10.79 32.72
N LEU D 20 -25.83 -9.59 32.21
CA LEU D 20 -26.69 -8.44 32.47
C LEU D 20 -27.65 -8.23 31.32
N SER D 21 -28.91 -7.96 31.64
CA SER D 21 -29.98 -7.85 30.66
C SER D 21 -30.45 -6.40 30.55
N CYS D 22 -31.37 -6.18 29.61
CA CYS D 22 -31.95 -4.87 29.37
C CYS D 22 -33.35 -5.08 28.82
N ALA D 23 -34.35 -4.97 29.70
CA ALA D 23 -35.74 -5.18 29.30
C ALA D 23 -36.30 -3.93 28.66
N ALA D 24 -37.10 -4.11 27.62
CA ALA D 24 -37.70 -3.02 26.86
C ALA D 24 -39.22 -3.09 26.94
N SER D 25 -39.87 -2.12 26.30
CA SER D 25 -41.33 -2.05 26.23
C SER D 25 -41.70 -0.91 25.29
N GLY D 26 -42.94 -0.95 24.81
CA GLY D 26 -43.51 0.13 24.03
C GLY D 26 -43.22 0.10 22.55
N PHE D 27 -42.50 -0.90 22.05
CA PHE D 27 -42.18 -0.96 20.63
C PHE D 27 -41.83 -2.39 20.25
N THR D 28 -41.84 -2.65 18.94
CA THR D 28 -41.44 -3.95 18.43
C THR D 28 -39.93 -4.11 18.55
N PHE D 29 -39.50 -5.22 19.15
CA PHE D 29 -38.10 -5.45 19.49
C PHE D 29 -37.38 -6.32 18.47
N SER D 30 -38.00 -6.59 17.33
CA SER D 30 -37.41 -7.41 16.29
C SER D 30 -37.07 -6.64 15.02
N SER D 31 -37.35 -5.34 14.97
CA SER D 31 -37.08 -4.53 13.79
C SER D 31 -36.00 -3.48 14.02
N TYR D 32 -35.46 -3.37 15.24
CA TYR D 32 -34.51 -2.33 15.60
C TYR D 32 -33.23 -2.95 16.14
N ASP D 33 -32.14 -2.21 16.01
CA ASP D 33 -30.83 -2.68 16.46
C ASP D 33 -30.56 -2.29 17.90
N MET D 34 -29.84 -3.15 18.60
CA MET D 34 -29.48 -2.94 20.00
C MET D 34 -27.99 -2.71 20.13
N HIS D 35 -27.60 -1.80 21.01
CA HIS D 35 -26.21 -1.49 21.27
C HIS D 35 -25.97 -1.43 22.78
N TRP D 36 -24.70 -1.57 23.15
CA TRP D 36 -24.27 -1.39 24.53
C TRP D 36 -23.27 -0.26 24.60
N VAL D 37 -23.57 0.75 25.41
CA VAL D 37 -22.73 1.93 25.58
C VAL D 37 -22.38 2.06 27.04
N ARG D 38 -21.08 2.21 27.34
CA ARG D 38 -20.61 2.33 28.71
C ARG D 38 -20.03 3.71 28.96
N GLN D 39 -20.20 4.19 30.19
CA GLN D 39 -19.73 5.50 30.61
C GLN D 39 -18.77 5.33 31.77
N THR D 40 -17.55 5.83 31.62
CA THR D 40 -16.53 5.74 32.64
C THR D 40 -16.12 7.15 33.08
N THR D 41 -15.58 7.24 34.30
CA THR D 41 -15.08 8.51 34.78
C THR D 41 -13.83 8.96 34.01
N GLY D 42 -13.06 8.02 33.48
CA GLY D 42 -11.84 8.35 32.77
C GLY D 42 -12.01 8.73 31.32
N LYS D 43 -12.57 7.82 30.51
CA LYS D 43 -12.65 8.02 29.07
C LYS D 43 -14.03 8.36 28.54
N GLY D 44 -15.02 8.57 29.42
CA GLY D 44 -16.34 8.99 28.99
C GLY D 44 -17.14 7.92 28.28
N LEU D 45 -17.99 8.33 27.34
CA LEU D 45 -18.87 7.40 26.66
C LEU D 45 -18.09 6.56 25.64
N GLU D 46 -18.34 5.26 25.66
CA GLU D 46 -17.71 4.33 24.74
C GLU D 46 -18.74 3.34 24.21
N TRP D 47 -18.48 2.81 23.01
CA TRP D 47 -19.32 1.77 22.43
C TRP D 47 -18.68 0.41 22.67
N VAL D 48 -19.46 -0.51 23.22
CA VAL D 48 -18.96 -1.78 23.72
C VAL D 48 -19.24 -2.92 22.74
N SER D 49 -20.48 -3.03 22.27
CA SER D 49 -20.86 -4.08 21.34
C SER D 49 -22.22 -3.70 20.73
N THR D 50 -22.68 -4.53 19.79
CA THR D 50 -24.00 -4.34 19.19
C THR D 50 -24.47 -5.61 18.52
N ILE D 51 -25.78 -5.76 18.37
CA ILE D 51 -26.40 -6.87 17.67
C ILE D 51 -27.45 -6.32 16.72
N GLY D 52 -27.53 -6.92 15.53
CA GLY D 52 -28.41 -6.46 14.49
C GLY D 52 -29.67 -7.28 14.38
N THR D 53 -30.29 -7.23 13.19
CA THR D 53 -31.53 -7.92 12.92
C THR D 53 -31.34 -9.25 12.20
N ALA D 54 -30.09 -9.68 12.02
CA ALA D 54 -29.83 -10.92 11.30
C ALA D 54 -28.75 -11.78 11.96
N GLY D 55 -28.54 -11.63 13.26
CA GLY D 55 -27.55 -12.43 13.95
C GLY D 55 -26.11 -11.98 13.80
N ASP D 56 -25.88 -10.71 13.45
CA ASP D 56 -24.53 -10.20 13.30
C ASP D 56 -24.07 -9.51 14.58
N THR D 57 -22.80 -9.71 14.92
CA THR D 57 -22.20 -9.12 16.12
C THR D 57 -20.97 -8.31 15.74
N TYR D 58 -20.73 -7.23 16.48
CA TYR D 58 -19.59 -6.36 16.25
C TYR D 58 -19.00 -5.93 17.58
N TYR D 59 -17.70 -6.14 17.74
CA TYR D 59 -17.02 -5.84 19.00
C TYR D 59 -15.79 -4.99 18.74
N PRO D 60 -15.41 -4.04 19.64
CA PRO D 60 -14.16 -3.31 19.47
C PRO D 60 -12.97 -4.23 19.61
N ASP D 61 -11.78 -3.71 19.31
CA ASP D 61 -10.55 -4.48 19.36
C ASP D 61 -10.34 -5.08 20.74
N SER D 62 -10.59 -4.31 21.80
CA SER D 62 -10.39 -4.81 23.16
C SER D 62 -11.51 -5.75 23.58
N VAL D 63 -12.75 -5.45 23.18
CA VAL D 63 -13.89 -6.26 23.58
C VAL D 63 -13.92 -7.61 22.88
N LYS D 64 -13.39 -7.71 21.66
CA LYS D 64 -13.51 -8.92 20.86
C LYS D 64 -12.94 -10.13 21.60
N GLY D 65 -13.68 -11.25 21.54
CA GLY D 65 -13.28 -12.49 22.17
C GLY D 65 -13.69 -12.63 23.62
N ARG D 66 -13.84 -11.52 24.33
CA ARG D 66 -14.16 -11.56 25.76
C ARG D 66 -15.67 -11.54 26.00
N PHE D 67 -16.36 -10.55 25.44
CA PHE D 67 -17.78 -10.37 25.67
C PHE D 67 -18.58 -10.81 24.45
N THR D 68 -19.77 -11.34 24.71
CA THR D 68 -20.70 -11.75 23.66
C THR D 68 -22.07 -11.16 23.93
N ILE D 69 -22.77 -10.79 22.86
CA ILE D 69 -24.10 -10.20 22.95
C ILE D 69 -25.12 -11.19 22.39
N SER D 70 -26.36 -11.08 22.87
CA SER D 70 -27.40 -12.02 22.49
C SER D 70 -28.75 -11.32 22.45
N ARG D 71 -29.69 -11.94 21.72
CA ARG D 71 -31.05 -11.45 21.60
C ARG D 71 -32.04 -12.54 21.96
N GLU D 72 -33.22 -12.11 22.43
CA GLU D 72 -34.33 -13.02 22.71
C GLU D 72 -35.61 -12.28 22.34
N ASP D 73 -36.17 -12.62 21.17
CA ASP D 73 -37.34 -11.91 20.68
C ASP D 73 -38.59 -12.24 21.48
N ALA D 74 -38.72 -13.49 21.95
CA ALA D 74 -39.94 -13.90 22.64
C ALA D 74 -40.13 -13.16 23.95
N LYS D 75 -39.08 -13.02 24.74
CA LYS D 75 -39.17 -12.41 26.07
C LYS D 75 -38.80 -10.94 26.09
N ASN D 76 -38.46 -10.36 24.94
CA ASN D 76 -38.07 -8.95 24.83
C ASN D 76 -36.91 -8.63 25.78
N SER D 77 -35.85 -9.43 25.68
CA SER D 77 -34.68 -9.27 26.52
C SER D 77 -33.41 -9.22 25.66
N LEU D 78 -32.53 -8.29 26.00
CA LEU D 78 -31.22 -8.16 25.38
C LEU D 78 -30.14 -8.46 26.42
N TYR D 79 -29.24 -9.38 26.08
CA TYR D 79 -28.25 -9.87 27.04
C TYR D 79 -26.85 -9.44 26.63
N LEU D 80 -25.99 -9.30 27.63
CA LEU D 80 -24.55 -9.18 27.43
C LEU D 80 -23.86 -10.22 28.30
N GLN D 81 -23.12 -11.12 27.66
CA GLN D 81 -22.35 -12.14 28.35
C GLN D 81 -20.89 -11.67 28.42
N MET D 82 -20.34 -11.61 29.62
CA MET D 82 -19.00 -11.12 29.86
C MET D 82 -18.14 -12.23 30.45
N ASN D 83 -16.95 -12.42 29.89
CA ASN D 83 -16.02 -13.44 30.34
C ASN D 83 -14.64 -12.84 30.54
N SER D 84 -13.92 -13.34 31.54
CA SER D 84 -12.55 -12.93 31.82
C SER D 84 -12.44 -11.42 32.01
N LEU D 85 -13.12 -10.93 33.03
CA LEU D 85 -13.14 -9.50 33.32
C LEU D 85 -11.78 -9.02 33.80
N ARG D 86 -11.44 -7.79 33.44
CA ARG D 86 -10.20 -7.16 33.83
C ARG D 86 -10.46 -6.09 34.89
N ALA D 87 -9.38 -5.59 35.49
CA ALA D 87 -9.50 -4.58 36.53
C ALA D 87 -10.09 -3.28 35.98
N GLY D 88 -9.65 -2.86 34.80
CA GLY D 88 -10.13 -1.62 34.23
C GLY D 88 -11.41 -1.77 33.44
N ASP D 89 -12.45 -2.29 34.09
CA ASP D 89 -13.73 -2.53 33.43
C ASP D 89 -14.91 -1.87 34.14
N THR D 90 -14.66 -1.06 35.17
CA THR D 90 -15.74 -0.46 35.94
C THR D 90 -16.38 0.68 35.16
N ALA D 91 -17.67 0.59 34.92
CA ALA D 91 -18.41 1.61 34.18
C ALA D 91 -19.90 1.38 34.38
N VAL D 92 -20.69 2.35 33.93
CA VAL D 92 -22.15 2.24 33.91
C VAL D 92 -22.55 1.92 32.48
N TYR D 93 -23.19 0.77 32.29
CA TYR D 93 -23.50 0.26 30.96
C TYR D 93 -24.93 0.63 30.59
N TYR D 94 -25.08 1.36 29.48
CA TYR D 94 -26.37 1.77 28.95
C TYR D 94 -26.68 0.97 27.69
N CYS D 95 -27.89 0.41 27.63
CA CYS D 95 -28.38 -0.18 26.39
C CYS D 95 -29.12 0.89 25.60
N ALA D 96 -28.82 0.99 24.31
CA ALA D 96 -29.38 2.03 23.47
C ALA D 96 -30.05 1.42 22.26
N ARG D 97 -31.00 2.15 21.69
CA ARG D 97 -31.71 1.73 20.49
C ARG D 97 -31.18 2.51 19.29
N GLY D 98 -30.88 1.80 18.21
CA GLY D 98 -30.35 2.42 17.02
C GLY D 98 -31.44 2.79 16.03
N ASP D 99 -31.45 4.05 15.61
CA ASP D 99 -32.41 4.56 14.65
C ASP D 99 -31.66 5.27 13.54
N SER D 100 -32.33 5.42 12.40
CA SER D 100 -31.68 5.94 11.20
C SER D 100 -32.57 6.97 10.53
N SER D 101 -31.94 7.88 9.80
CA SER D 101 -32.61 8.82 8.89
C SER D 101 -31.81 8.80 7.60
N GLY D 102 -32.14 7.87 6.70
CA GLY D 102 -31.39 7.73 5.47
C GLY D 102 -30.06 7.04 5.69
N TYR D 103 -28.97 7.81 5.58
CA TYR D 103 -27.64 7.27 5.80
C TYR D 103 -27.11 7.55 7.20
N TYR D 104 -27.69 8.50 7.92
CA TYR D 104 -27.22 8.87 9.25
C TYR D 104 -27.72 7.88 10.29
N TYR D 105 -26.87 7.56 11.26
CA TYR D 105 -27.18 6.65 12.35
C TYR D 105 -27.07 7.39 13.67
N TYR D 106 -28.01 7.12 14.58
CA TYR D 106 -28.01 7.79 15.87
C TYR D 106 -28.77 6.93 16.89
N PHE D 107 -28.60 7.28 18.15
CA PHE D 107 -29.26 6.61 19.27
C PHE D 107 -30.35 7.52 19.82
N ASP D 108 -31.58 7.06 19.80
CA ASP D 108 -32.72 7.89 20.16
C ASP D 108 -33.16 7.76 21.61
N TYR D 109 -33.26 6.54 22.14
CA TYR D 109 -33.71 6.33 23.51
C TYR D 109 -32.64 5.56 24.28
N TRP D 110 -32.47 5.92 25.55
CA TRP D 110 -31.44 5.36 26.40
C TRP D 110 -32.05 4.86 27.70
N GLY D 111 -31.34 3.94 28.35
CA GLY D 111 -31.76 3.37 29.61
C GLY D 111 -31.24 4.11 30.81
N GLN D 112 -31.21 3.43 31.95
CA GLN D 112 -30.74 4.02 33.20
C GLN D 112 -29.34 3.55 33.61
N GLY D 113 -28.99 2.32 33.29
CA GLY D 113 -27.63 1.83 33.56
C GLY D 113 -27.49 1.24 34.94
N THR D 114 -26.55 0.30 35.06
CA THR D 114 -26.21 -0.33 36.32
C THR D 114 -24.72 -0.17 36.59
N LEU D 115 -24.37 0.00 37.87
CA LEU D 115 -22.97 0.07 38.25
C LEU D 115 -22.35 -1.32 38.26
N LEU D 116 -21.20 -1.44 37.61
CA LEU D 116 -20.45 -2.70 37.57
C LEU D 116 -19.04 -2.42 38.07
N THR D 117 -18.64 -3.14 39.11
CA THR D 117 -17.32 -2.96 39.71
C THR D 117 -16.66 -4.31 39.91
N VAL D 118 -15.37 -4.37 39.60
CA VAL D 118 -14.58 -5.58 39.76
C VAL D 118 -13.63 -5.37 40.93
N SER D 119 -13.65 -6.29 41.89
CA SER D 119 -12.84 -6.18 43.09
C SER D 119 -11.87 -7.35 43.22
N ASP E 1 -9.84 4.21 14.95
CA ASP E 1 -9.25 5.18 15.85
C ASP E 1 -9.42 6.60 15.32
N ILE E 2 -10.55 7.23 15.64
CA ILE E 2 -10.85 8.59 15.21
C ILE E 2 -10.97 9.45 16.46
N GLN E 3 -10.02 10.36 16.64
CA GLN E 3 -9.99 11.22 17.81
C GLN E 3 -11.01 12.34 17.65
N MET E 4 -11.61 12.76 18.76
CA MET E 4 -12.62 13.80 18.76
C MET E 4 -12.29 14.81 19.86
N THR E 5 -12.23 16.09 19.50
CA THR E 5 -11.82 17.14 20.42
C THR E 5 -12.90 18.20 20.51
N GLN E 6 -13.22 18.61 21.75
CA GLN E 6 -14.21 19.63 22.01
C GLN E 6 -13.60 20.73 22.87
N SER E 7 -14.04 21.97 22.62
CA SER E 7 -13.55 23.11 23.37
C SER E 7 -14.61 24.20 23.36
N PRO E 8 -14.76 25.00 24.43
CA PRO E 8 -14.01 24.96 25.69
C PRO E 8 -14.51 23.87 26.64
N SER E 9 -13.70 23.49 27.63
CA SER E 9 -14.13 22.47 28.59
C SER E 9 -15.06 23.04 29.66
N SER E 10 -15.15 24.36 29.77
CA SER E 10 -16.03 25.00 30.73
C SER E 10 -16.50 26.34 30.17
N LEU E 11 -17.79 26.63 30.37
CA LEU E 11 -18.37 27.90 29.90
C LEU E 11 -19.52 28.22 30.83
N SER E 12 -19.42 29.35 31.54
CA SER E 12 -20.46 29.82 32.43
C SER E 12 -21.13 31.07 31.87
N ALA E 13 -22.45 31.13 31.97
CA ALA E 13 -23.19 32.29 31.49
C ALA E 13 -24.43 32.47 32.36
N ALA E 14 -24.90 33.71 32.42
CA ALA E 14 -26.11 34.02 33.16
C ALA E 14 -27.34 33.56 32.40
N VAL E 15 -28.47 33.49 33.11
CA VAL E 15 -29.71 33.06 32.48
C VAL E 15 -30.12 34.06 31.40
N GLY E 16 -30.58 33.53 30.27
CA GLY E 16 -30.94 34.35 29.14
C GLY E 16 -29.81 34.69 28.20
N ASP E 17 -28.59 34.24 28.47
CA ASP E 17 -27.46 34.53 27.60
C ASP E 17 -27.40 33.52 26.46
N ARG E 18 -26.51 33.79 25.51
CA ARG E 18 -26.32 32.94 24.34
C ARG E 18 -25.15 31.99 24.61
N VAL E 19 -25.39 30.70 24.41
CA VAL E 19 -24.41 29.66 24.72
C VAL E 19 -23.98 28.99 23.41
N THR E 20 -22.67 28.85 23.23
CA THR E 20 -22.12 28.24 22.02
C THR E 20 -20.96 27.34 22.39
N ILE E 21 -21.04 26.08 21.96
CA ILE E 21 -19.95 25.12 22.12
C ILE E 21 -19.52 24.65 20.73
N THR E 22 -18.26 24.21 20.63
CA THR E 22 -17.67 23.86 19.36
C THR E 22 -17.23 22.40 19.37
N CYS E 23 -17.49 21.71 18.26
CA CYS E 23 -17.11 20.32 18.06
C CYS E 23 -16.16 20.24 16.86
N ARG E 24 -15.00 19.62 17.06
CA ARG E 24 -13.96 19.53 16.04
C ARG E 24 -13.65 18.07 15.75
N ALA E 25 -13.25 17.80 14.52
CA ALA E 25 -13.00 16.44 14.06
C ALA E 25 -11.52 16.28 13.68
N SER E 26 -11.01 15.05 13.88
CA SER E 26 -9.64 14.76 13.50
C SER E 26 -9.46 14.78 11.99
N GLN E 27 -10.43 14.24 11.25
CA GLN E 27 -10.41 14.25 9.80
C GLN E 27 -11.77 14.74 9.30
N SER E 28 -11.81 15.08 8.01
CA SER E 28 -13.04 15.58 7.39
C SER E 28 -14.09 14.48 7.39
N ILE E 29 -15.17 14.67 8.17
CA ILE E 29 -16.22 13.68 8.31
C ILE E 29 -17.57 14.18 7.82
N GLY E 30 -17.59 15.27 7.04
CA GLY E 30 -18.81 15.70 6.39
C GLY E 30 -19.87 16.27 7.32
N SER E 31 -21.04 15.62 7.34
CA SER E 31 -22.19 16.08 8.10
C SER E 31 -22.80 14.93 8.88
N TYR E 32 -21.96 14.16 9.56
CA TYR E 32 -22.36 12.97 10.29
C TYR E 32 -22.23 13.18 11.80
N LEU E 33 -22.68 14.33 12.30
CA LEU E 33 -22.53 14.68 13.70
C LEU E 33 -23.85 14.53 14.45
N ASN E 34 -23.76 14.09 15.70
CA ASN E 34 -24.90 13.95 16.58
C ASN E 34 -24.57 14.57 17.94
N TRP E 35 -25.51 15.34 18.47
CA TRP E 35 -25.35 16.03 19.75
C TRP E 35 -26.07 15.28 20.85
N TYR E 36 -25.65 15.52 22.10
CA TYR E 36 -26.28 14.92 23.27
C TYR E 36 -26.31 15.90 24.42
N GLN E 37 -27.22 15.63 25.36
CA GLN E 37 -27.33 16.37 26.61
C GLN E 37 -27.55 15.36 27.73
N GLN E 38 -26.79 15.50 28.82
CA GLN E 38 -26.83 14.54 29.91
C GLN E 38 -26.96 15.28 31.24
N LYS E 39 -28.14 15.21 31.85
CA LYS E 39 -28.32 15.74 33.19
C LYS E 39 -27.45 14.95 34.16
N PRO E 40 -27.04 15.56 35.28
CA PRO E 40 -26.11 14.87 36.19
C PRO E 40 -26.74 13.65 36.85
N GLY E 41 -26.24 12.47 36.47
CA GLY E 41 -26.71 11.22 37.01
C GLY E 41 -27.88 10.59 36.29
N LYS E 42 -28.46 11.27 35.31
CA LYS E 42 -29.61 10.78 34.57
C LYS E 42 -29.17 10.25 33.21
N ALA E 43 -30.16 9.87 32.39
CA ALA E 43 -29.91 9.28 31.08
C ALA E 43 -29.58 10.37 30.06
N PRO E 44 -28.54 10.16 29.24
CA PRO E 44 -28.28 11.09 28.13
C PRO E 44 -29.40 11.06 27.12
N LYS E 45 -29.57 12.18 26.42
CA LYS E 45 -30.60 12.31 25.40
C LYS E 45 -30.01 12.92 24.13
N LEU E 46 -30.64 12.59 23.00
CA LEU E 46 -30.23 13.10 21.70
C LEU E 46 -30.99 14.39 21.40
N LEU E 47 -30.25 15.44 21.07
CA LEU E 47 -30.85 16.73 20.73
C LEU E 47 -30.90 16.97 19.22
N ILE E 48 -29.75 16.90 18.55
CA ILE E 48 -29.67 17.16 17.12
C ILE E 48 -28.82 16.08 16.47
N TYR E 49 -29.32 15.52 15.37
CA TYR E 49 -28.57 14.57 14.56
C TYR E 49 -28.31 15.16 13.19
N ALA E 50 -27.21 14.73 12.57
CA ALA E 50 -26.76 15.23 11.27
C ALA E 50 -26.47 16.72 11.27
N ALA E 51 -26.32 17.31 12.47
CA ALA E 51 -25.90 18.68 12.71
C ALA E 51 -26.89 19.73 12.22
N SER E 52 -28.01 19.33 11.60
CA SER E 52 -28.98 20.29 11.12
C SER E 52 -30.43 19.93 11.39
N SER E 53 -30.73 18.69 11.76
CA SER E 53 -32.11 18.23 11.92
C SER E 53 -32.48 18.22 13.39
N LEU E 54 -33.66 18.74 13.71
CA LEU E 54 -34.15 18.76 15.08
C LEU E 54 -34.84 17.44 15.41
N GLN E 55 -34.50 16.87 16.57
CA GLN E 55 -35.07 15.61 17.00
C GLN E 55 -36.56 15.76 17.27
N SER E 56 -37.28 14.64 17.24
CA SER E 56 -38.74 14.63 17.37
C SER E 56 -39.09 14.98 18.81
N GLY E 57 -39.15 16.29 19.07
CA GLY E 57 -39.46 16.82 20.39
C GLY E 57 -38.22 17.33 21.10
N VAL E 58 -37.98 18.63 20.99
CA VAL E 58 -36.80 19.31 21.52
C VAL E 58 -37.16 20.79 21.60
N PRO E 59 -36.75 21.50 22.65
CA PRO E 59 -37.02 22.95 22.70
C PRO E 59 -36.44 23.66 21.50
N SER E 60 -37.18 24.64 20.98
CA SER E 60 -36.79 25.34 19.76
C SER E 60 -35.57 26.23 19.94
N ARG E 61 -35.14 26.47 21.19
CA ARG E 61 -33.98 27.33 21.41
C ARG E 61 -32.71 26.72 20.82
N PHE E 62 -32.56 25.40 20.89
CA PHE E 62 -31.37 24.75 20.37
C PHE E 62 -31.37 24.75 18.85
N SER E 63 -30.18 24.95 18.27
CA SER E 63 -30.01 24.93 16.83
C SER E 63 -28.57 24.51 16.51
N GLY E 64 -28.37 24.02 15.30
CA GLY E 64 -27.06 23.53 14.92
C GLY E 64 -26.60 23.97 13.55
N SER E 65 -25.29 24.17 13.40
CA SER E 65 -24.69 24.54 12.13
C SER E 65 -23.23 24.10 12.13
N GLY E 66 -22.69 23.91 10.94
CA GLY E 66 -21.31 23.52 10.78
C GLY E 66 -21.17 22.38 9.79
N SER E 67 -19.97 22.25 9.23
CA SER E 67 -19.68 21.19 8.27
C SER E 67 -18.18 20.95 8.26
N GLY E 68 -17.79 19.83 7.67
CA GLY E 68 -16.39 19.48 7.56
C GLY E 68 -15.78 18.97 8.85
N THR E 69 -14.86 19.74 9.43
CA THR E 69 -14.15 19.34 10.64
C THR E 69 -14.40 20.30 11.80
N ASP E 70 -15.41 21.16 11.69
CA ASP E 70 -15.76 22.10 12.76
C ASP E 70 -17.26 22.27 12.78
N PHE E 71 -17.88 22.02 13.94
CA PHE E 71 -19.32 22.09 14.10
C PHE E 71 -19.66 22.90 15.34
N THR E 72 -20.79 23.60 15.28
CA THR E 72 -21.19 24.54 16.32
C THR E 72 -22.64 24.29 16.71
N LEU E 73 -22.89 24.24 18.02
CA LEU E 73 -24.23 24.12 18.56
C LEU E 73 -24.60 25.42 19.26
N THR E 74 -25.77 25.96 18.92
CA THR E 74 -26.17 27.29 19.38
C THR E 74 -27.44 27.20 20.22
N ILE E 75 -27.43 27.91 21.35
CA ILE E 75 -28.60 28.05 22.21
C ILE E 75 -28.92 29.54 22.29
N SER E 76 -30.16 29.90 21.99
CA SER E 76 -30.54 31.30 21.90
C SER E 76 -30.57 31.96 23.28
N SER E 77 -31.44 31.47 24.15
CA SER E 77 -31.59 32.02 25.50
C SER E 77 -31.55 30.87 26.49
N LEU E 78 -30.56 30.88 27.39
CA LEU E 78 -30.42 29.81 28.36
C LEU E 78 -31.57 29.83 29.36
N GLN E 79 -32.02 28.65 29.73
CA GLN E 79 -33.03 28.43 30.75
C GLN E 79 -32.43 27.59 31.88
N PRO E 80 -33.00 27.66 33.08
CA PRO E 80 -32.41 26.91 34.21
C PRO E 80 -32.35 25.41 34.00
N GLU E 81 -33.18 24.86 33.10
CA GLU E 81 -33.16 23.43 32.85
C GLU E 81 -32.02 23.00 31.94
N ASP E 82 -31.39 23.93 31.23
CA ASP E 82 -30.31 23.59 30.29
C ASP E 82 -28.94 23.67 30.95
N PHE E 83 -28.78 22.98 32.08
CA PHE E 83 -27.49 22.84 32.74
C PHE E 83 -27.16 21.35 32.77
N ALA E 84 -26.16 20.95 32.00
CA ALA E 84 -25.83 19.54 31.82
C ALA E 84 -24.47 19.46 31.14
N ILE E 85 -24.02 18.22 30.92
CA ILE E 85 -22.78 17.96 30.20
C ILE E 85 -23.16 17.52 28.78
N TYR E 86 -22.68 18.27 27.79
CA TYR E 86 -23.02 18.03 26.40
C TYR E 86 -21.95 17.18 25.72
N TYR E 87 -22.39 16.34 24.78
CA TYR E 87 -21.48 15.49 24.01
C TYR E 87 -21.78 15.62 22.53
N CYS E 88 -20.73 15.46 21.71
CA CYS E 88 -20.84 15.43 20.27
C CYS E 88 -20.16 14.17 19.73
N GLN E 89 -20.84 13.49 18.81
CA GLN E 89 -20.40 12.19 18.32
C GLN E 89 -20.48 12.17 16.79
N GLN E 90 -19.55 11.43 16.18
CA GLN E 90 -19.54 11.26 14.74
C GLN E 90 -20.21 9.95 14.36
N SER E 91 -20.87 9.94 13.19
CA SER E 91 -21.50 8.74 12.65
C SER E 91 -20.96 8.41 11.27
N TYR E 92 -19.85 9.02 10.86
CA TYR E 92 -19.28 8.78 9.53
C TYR E 92 -18.68 7.38 9.43
N VAL E 93 -17.91 6.98 10.43
CA VAL E 93 -17.22 5.69 10.43
C VAL E 93 -17.98 4.74 11.35
N SER E 94 -18.28 3.56 10.83
CA SER E 94 -19.05 2.55 11.53
C SER E 94 -18.36 1.20 11.40
N PRO E 95 -18.53 0.30 12.38
CA PRO E 95 -19.37 0.36 13.58
C PRO E 95 -18.69 0.97 14.80
N THR E 96 -17.45 1.47 14.67
CA THR E 96 -16.72 1.97 15.83
C THR E 96 -16.96 3.48 15.95
N TYR E 97 -18.10 3.82 16.55
CA TYR E 97 -18.41 5.22 16.84
C TYR E 97 -17.63 5.67 18.07
N THR E 98 -17.03 6.85 17.98
CA THR E 98 -16.26 7.43 19.07
C THR E 98 -16.87 8.77 19.45
N PHE E 99 -17.03 8.99 20.75
CA PHE E 99 -17.61 10.21 21.27
C PHE E 99 -16.51 11.22 21.61
N GLY E 100 -16.95 12.44 21.92
CA GLY E 100 -16.03 13.46 22.38
C GLY E 100 -15.77 13.36 23.87
N PRO E 101 -15.05 14.34 24.40
CA PRO E 101 -14.77 14.35 25.84
C PRO E 101 -15.96 14.82 26.65
N GLY E 102 -16.71 15.77 26.12
CA GLY E 102 -17.85 16.33 26.82
C GLY E 102 -17.55 17.73 27.34
N THR E 103 -18.61 18.55 27.40
CA THR E 103 -18.50 19.92 27.87
C THR E 103 -19.51 20.14 28.97
N LYS E 104 -19.04 20.60 30.14
CA LYS E 104 -19.89 20.89 31.28
C LYS E 104 -20.22 22.37 31.28
N VAL E 105 -21.51 22.70 31.13
CA VAL E 105 -21.97 24.08 31.08
C VAL E 105 -22.52 24.42 32.46
N ASP E 106 -21.75 25.19 33.23
CA ASP E 106 -22.17 25.59 34.56
C ASP E 106 -23.11 26.81 34.47
N ILE E 107 -23.94 26.95 35.51
CA ILE E 107 -24.85 28.08 35.65
C ILE E 107 -24.41 28.90 36.84
N LYS E 108 -24.25 30.21 36.63
CA LYS E 108 -23.83 31.11 37.69
C LYS E 108 -25.04 31.80 38.33
N VAL F 1 27.83 13.84 -5.65
CA VAL F 1 26.69 14.12 -4.79
C VAL F 1 27.14 14.69 -3.45
N GLN F 2 26.41 15.68 -2.94
CA GLN F 2 26.75 16.32 -1.68
C GLN F 2 25.47 16.75 -0.98
N LEU F 3 25.52 16.79 0.34
CA LEU F 3 24.45 17.33 1.18
C LEU F 3 25.09 18.29 2.17
N VAL F 4 24.84 19.59 1.99
CA VAL F 4 25.42 20.64 2.82
C VAL F 4 24.33 21.19 3.73
N GLU F 5 24.59 21.22 5.02
CA GLU F 5 23.65 21.74 6.01
C GLU F 5 24.03 23.15 6.42
N SER F 6 23.03 23.88 6.92
CA SER F 6 23.22 25.26 7.35
C SER F 6 22.20 25.59 8.44
N GLY F 7 22.35 26.77 9.02
CA GLY F 7 21.39 27.29 9.98
C GLY F 7 21.68 26.97 11.43
N GLY F 8 22.68 26.15 11.72
CA GLY F 8 22.97 25.81 13.09
C GLY F 8 23.49 26.99 13.89
N GLY F 9 23.31 26.92 15.20
CA GLY F 9 23.77 28.00 16.06
C GLY F 9 23.29 27.82 17.49
N LEU F 10 23.32 28.91 18.23
CA LEU F 10 22.90 28.94 19.63
C LEU F 10 21.54 29.59 19.74
N VAL F 11 20.60 28.90 20.38
CA VAL F 11 19.24 29.41 20.55
C VAL F 11 18.81 29.15 21.98
N GLN F 12 18.33 30.18 22.67
CA GLN F 12 17.88 30.03 24.04
C GLN F 12 16.61 29.18 24.09
N PRO F 13 16.39 28.45 25.19
CA PRO F 13 15.27 27.52 25.25
C PRO F 13 13.93 28.21 25.03
N GLY F 14 13.03 27.52 24.33
CA GLY F 14 11.74 28.06 24.00
C GLY F 14 11.69 28.87 22.71
N GLY F 15 12.81 29.05 22.04
CA GLY F 15 12.88 29.85 20.83
C GLY F 15 12.63 29.04 19.58
N SER F 16 12.94 29.64 18.44
CA SER F 16 12.73 29.03 17.13
C SER F 16 14.03 29.01 16.36
N LEU F 17 14.12 28.06 15.43
CA LEU F 17 15.31 27.91 14.60
C LEU F 17 14.88 27.29 13.28
N ARG F 18 15.72 27.49 12.25
CA ARG F 18 15.40 27.06 10.89
C ARG F 18 16.65 26.46 10.26
N LEU F 19 16.67 25.14 10.11
CA LEU F 19 17.77 24.43 9.48
C LEU F 19 17.49 24.23 8.00
N SER F 20 18.55 24.18 7.20
CA SER F 20 18.46 23.95 5.78
C SER F 20 19.48 22.90 5.36
N CYS F 21 19.15 22.15 4.31
CA CYS F 21 20.04 21.13 3.76
C CYS F 21 19.98 21.23 2.24
N ALA F 22 20.86 22.05 1.67
CA ALA F 22 20.94 22.17 0.22
C ALA F 22 21.52 20.90 -0.38
N ALA F 23 20.97 20.48 -1.51
CA ALA F 23 21.34 19.22 -2.14
C ALA F 23 21.77 19.45 -3.58
N SER F 24 22.78 18.69 -4.00
CA SER F 24 23.24 18.70 -5.39
C SER F 24 23.52 17.27 -5.81
N GLY F 25 22.99 16.89 -6.97
CA GLY F 25 23.13 15.55 -7.49
C GLY F 25 21.93 14.66 -7.24
N ILE F 26 21.10 14.99 -6.25
CA ILE F 26 19.87 14.27 -5.97
C ILE F 26 18.75 15.30 -5.77
N THR F 27 17.59 15.01 -6.34
CA THR F 27 16.48 15.95 -6.28
C THR F 27 15.75 15.83 -4.95
N VAL F 28 15.59 16.96 -4.27
CA VAL F 28 14.87 16.97 -3.00
C VAL F 28 13.40 16.61 -3.21
N SER F 29 12.82 17.03 -4.33
CA SER F 29 11.39 16.89 -4.58
C SER F 29 11.01 15.54 -5.19
N SER F 30 11.92 14.58 -5.29
CA SER F 30 11.62 13.32 -5.94
C SER F 30 12.08 12.09 -5.18
N ASN F 31 12.59 12.23 -3.96
CA ASN F 31 13.03 11.09 -3.17
C ASN F 31 12.47 11.18 -1.76
N TYR F 32 12.60 10.09 -1.01
CA TYR F 32 12.35 10.13 0.42
C TYR F 32 13.53 10.77 1.12
N MET F 33 13.24 11.76 1.96
CA MET F 33 14.26 12.51 2.67
C MET F 33 14.08 12.34 4.17
N ASN F 34 15.18 12.13 4.88
CA ASN F 34 15.15 11.85 6.30
C ASN F 34 16.01 12.86 7.05
N TRP F 35 15.55 13.21 8.25
CA TRP F 35 16.34 13.98 9.20
C TRP F 35 16.64 13.05 10.38
N VAL F 36 17.93 12.84 10.64
CA VAL F 36 18.39 11.98 11.72
C VAL F 36 19.41 12.74 12.54
N ARG F 37 19.24 12.73 13.86
CA ARG F 37 20.07 13.50 14.77
C ARG F 37 20.93 12.57 15.61
N GLN F 38 22.02 13.14 16.15
CA GLN F 38 22.99 12.40 16.96
C GLN F 38 23.29 13.19 18.23
N ALA F 39 22.60 12.85 19.31
CA ALA F 39 22.94 13.42 20.60
C ALA F 39 24.30 12.89 21.04
N PRO F 40 25.11 13.70 21.77
CA PRO F 40 26.43 13.27 22.20
C PRO F 40 26.31 12.12 23.17
N GLY F 41 27.17 11.11 23.02
CA GLY F 41 27.16 9.97 23.91
C GLY F 41 26.05 8.99 23.65
N LYS F 42 25.19 9.24 22.66
CA LYS F 42 24.09 8.35 22.32
C LYS F 42 24.10 8.13 20.82
N GLY F 43 23.46 7.04 20.40
CA GLY F 43 23.41 6.68 18.99
C GLY F 43 22.45 7.53 18.20
N LEU F 44 22.31 7.16 16.93
CA LEU F 44 21.44 7.91 16.02
C LEU F 44 19.98 7.73 16.42
N GLU F 45 19.14 8.62 15.90
CA GLU F 45 17.71 8.61 16.22
C GLU F 45 16.96 9.31 15.11
N TRP F 46 15.89 8.67 14.64
CA TRP F 46 15.08 9.27 13.58
C TRP F 46 14.29 10.46 14.10
N VAL F 47 14.15 11.48 13.26
CA VAL F 47 13.46 12.71 13.63
C VAL F 47 12.23 12.94 12.75
N SER F 48 12.39 12.88 11.43
CA SER F 48 11.27 13.12 10.52
C SER F 48 11.57 12.46 9.19
N LEU F 49 10.53 12.41 8.34
CA LEU F 49 10.64 11.81 7.02
C LEU F 49 9.54 12.37 6.14
N ILE F 50 9.91 12.78 4.93
CA ILE F 50 8.97 13.36 3.98
C ILE F 50 9.00 12.52 2.70
N TYR F 51 7.81 12.14 2.23
CA TYR F 51 7.69 11.35 1.02
C TYR F 51 7.86 12.22 -0.21
N SER F 52 8.01 11.56 -1.37
CA SER F 52 8.05 12.29 -2.63
C SER F 52 6.71 12.93 -2.95
N GLY F 53 5.63 12.41 -2.40
CA GLY F 53 4.30 12.94 -2.63
C GLY F 53 3.84 14.00 -1.64
N GLY F 54 4.69 14.41 -0.71
CA GLY F 54 4.33 15.40 0.27
C GLY F 54 3.91 14.85 1.63
N SER F 55 3.91 13.54 1.80
CA SER F 55 3.55 12.95 3.09
C SER F 55 4.61 13.29 4.13
N THR F 56 4.15 13.49 5.37
CA THR F 56 5.03 13.82 6.48
C THR F 56 4.90 12.79 7.58
N TYR F 57 6.03 12.35 8.13
CA TYR F 57 6.09 11.44 9.25
C TYR F 57 7.07 11.98 10.28
N TYR F 58 6.66 11.97 11.55
CA TYR F 58 7.50 12.47 12.64
C TYR F 58 7.59 11.44 13.74
N ALA F 59 8.68 11.50 14.50
CA ALA F 59 8.86 10.63 15.65
C ALA F 59 7.96 11.09 16.80
N ASP F 60 7.80 10.20 17.78
CA ASP F 60 6.87 10.46 18.87
C ASP F 60 7.29 11.66 19.72
N SER F 61 8.60 11.86 19.90
CA SER F 61 9.08 12.89 20.80
C SER F 61 9.02 14.28 20.20
N VAL F 62 8.80 14.40 18.90
CA VAL F 62 8.83 15.70 18.22
C VAL F 62 7.48 16.04 17.59
N LYS F 63 6.43 15.28 17.88
CA LYS F 63 5.12 15.56 17.31
C LYS F 63 4.63 16.95 17.71
N GLY F 64 4.09 17.68 16.74
CA GLY F 64 3.53 18.99 16.97
C GLY F 64 4.53 20.12 17.06
N ARG F 65 5.78 19.82 17.44
CA ARG F 65 6.80 20.84 17.61
C ARG F 65 7.55 21.12 16.31
N PHE F 66 7.87 20.08 15.56
CA PHE F 66 8.71 20.20 14.37
C PHE F 66 7.86 20.20 13.11
N THR F 67 8.33 20.92 12.09
CA THR F 67 7.70 20.95 10.77
C THR F 67 8.78 20.81 9.71
N ILE F 68 8.56 19.94 8.74
CA ILE F 68 9.52 19.69 7.67
C ILE F 68 8.88 20.11 6.35
N SER F 69 9.59 20.95 5.61
CA SER F 69 9.11 21.48 4.34
C SER F 69 10.25 21.50 3.33
N ARG F 70 9.89 21.57 2.05
CA ARG F 70 10.87 21.61 0.99
C ARG F 70 10.44 22.62 -0.06
N ASP F 71 11.43 23.15 -0.79
CA ASP F 71 11.18 24.08 -1.87
C ASP F 71 11.90 23.57 -3.11
N ASN F 72 11.16 23.39 -4.19
CA ASN F 72 11.73 22.79 -5.40
C ASN F 72 12.73 23.73 -6.07
N SER F 73 12.45 25.04 -6.06
CA SER F 73 13.26 25.98 -6.82
C SER F 73 14.71 26.00 -6.35
N LYS F 74 14.92 26.15 -5.04
CA LYS F 74 16.27 26.19 -4.49
C LYS F 74 16.82 24.81 -4.18
N ASN F 75 16.02 23.75 -4.34
CA ASN F 75 16.45 22.37 -4.11
C ASN F 75 17.04 22.20 -2.71
N THR F 76 16.36 22.77 -1.72
CA THR F 76 16.83 22.75 -0.34
C THR F 76 15.73 22.17 0.56
N LEU F 77 16.11 21.22 1.41
CA LEU F 77 15.21 20.63 2.39
C LEU F 77 15.41 21.30 3.74
N TYR F 78 14.30 21.63 4.40
CA TYR F 78 14.32 22.37 5.65
C TYR F 78 13.99 21.47 6.83
N LEU F 79 13.95 22.08 8.01
CA LEU F 79 13.26 21.54 9.17
C LEU F 79 13.07 22.69 10.15
N GLN F 80 11.83 22.99 10.48
CA GLN F 80 11.50 24.09 11.38
C GLN F 80 11.30 23.54 12.78
N MET F 81 11.98 24.15 13.75
CA MET F 81 12.01 23.68 15.13
C MET F 81 11.46 24.77 16.04
N ASN F 82 10.23 24.57 16.52
CA ASN F 82 9.59 25.47 17.47
C ASN F 82 9.39 24.74 18.79
N SER F 83 9.22 25.54 19.85
CA SER F 83 9.11 25.02 21.22
C SER F 83 10.29 24.11 21.56
N LEU F 84 11.48 24.69 21.43
CA LEU F 84 12.71 23.94 21.64
C LEU F 84 12.92 23.61 23.11
N ARG F 85 13.45 22.42 23.35
CA ARG F 85 13.75 21.95 24.70
C ARG F 85 15.23 21.58 24.80
N ALA F 86 15.69 21.38 26.03
CA ALA F 86 17.11 21.16 26.27
C ALA F 86 17.57 19.80 25.78
N GLU F 87 16.64 18.88 25.51
CA GLU F 87 17.00 17.54 25.06
C GLU F 87 17.19 17.46 23.55
N ASP F 88 17.00 18.56 22.82
CA ASP F 88 17.17 18.58 21.38
C ASP F 88 18.59 18.92 20.95
N THR F 89 19.52 19.07 21.89
CA THR F 89 20.90 19.39 21.56
C THR F 89 21.56 18.18 20.92
N ALA F 90 21.91 18.29 19.64
CA ALA F 90 22.48 17.18 18.88
C ALA F 90 23.02 17.72 17.57
N VAL F 91 23.52 16.82 16.73
CA VAL F 91 23.96 17.14 15.38
C VAL F 91 22.95 16.55 14.41
N TYR F 92 22.42 17.39 13.53
CA TYR F 92 21.34 17.01 12.63
C TYR F 92 21.89 16.71 11.24
N HIS F 93 21.68 15.48 10.78
CA HIS F 93 22.08 15.08 9.44
C HIS F 93 20.85 14.90 8.56
N CYS F 94 20.97 15.29 7.30
CA CYS F 94 19.95 15.03 6.30
C CYS F 94 20.39 13.83 5.45
N ALA F 95 19.44 12.96 5.14
CA ALA F 95 19.73 11.76 4.38
C ALA F 95 18.63 11.51 3.36
N ARG F 96 18.99 10.83 2.28
CA ARG F 96 18.05 10.44 1.23
C ARG F 96 17.77 8.95 1.36
N ASP F 97 16.48 8.59 1.41
CA ASP F 97 16.05 7.25 1.77
C ASP F 97 15.56 6.49 0.54
N LEU F 98 16.04 5.26 0.37
CA LEU F 98 15.56 4.35 -0.65
C LEU F 98 14.78 3.18 -0.06
N VAL F 99 14.49 3.22 1.25
CA VAL F 99 13.71 2.21 1.95
C VAL F 99 14.36 0.84 1.85
N VAL F 100 14.25 0.22 0.67
CA VAL F 100 14.80 -1.13 0.51
C VAL F 100 16.32 -1.09 0.52
N TYR F 101 16.91 -0.08 -0.12
CA TYR F 101 18.36 0.05 -0.20
C TYR F 101 18.95 0.87 0.94
N GLY F 102 18.12 1.43 1.81
CA GLY F 102 18.60 2.26 2.90
C GLY F 102 18.95 3.67 2.44
N MET F 103 19.49 4.44 3.38
CA MET F 103 19.98 5.78 3.07
C MET F 103 21.47 5.70 2.74
N ASP F 104 21.83 6.15 1.54
CA ASP F 104 23.21 6.11 1.06
C ASP F 104 23.86 7.47 0.91
N VAL F 105 23.09 8.54 0.73
CA VAL F 105 23.61 9.91 0.69
C VAL F 105 23.33 10.58 2.03
N TRP F 106 24.38 11.11 2.64
CA TRP F 106 24.27 11.80 3.91
C TRP F 106 24.86 13.20 3.79
N GLY F 107 24.69 13.99 4.84
CA GLY F 107 25.33 15.28 4.98
C GLY F 107 26.20 15.28 6.22
N GLN F 108 27.24 16.12 6.21
CA GLN F 108 28.12 16.20 7.38
C GLN F 108 27.36 16.69 8.61
N GLY F 109 26.33 17.48 8.43
CA GLY F 109 25.41 17.81 9.50
C GLY F 109 25.56 19.26 9.95
N THR F 110 24.52 19.73 10.65
CA THR F 110 24.53 21.01 11.32
C THR F 110 24.33 20.79 12.81
N THR F 111 24.98 21.62 13.61
CA THR F 111 24.99 21.46 15.06
C THR F 111 24.03 22.44 15.69
N VAL F 112 23.22 21.96 16.62
CA VAL F 112 22.24 22.77 17.33
C VAL F 112 22.51 22.66 18.82
N THR F 113 22.67 23.81 19.47
CA THR F 113 22.85 23.87 20.92
C THR F 113 21.80 24.81 21.49
N VAL F 114 21.11 24.36 22.54
CA VAL F 114 20.17 25.19 23.28
C VAL F 114 20.54 25.15 24.75
N SER F 115 20.49 26.30 25.42
CA SER F 115 20.88 26.40 26.82
C SER F 115 20.47 27.75 27.41
N GLU G 1 7.81 0.88 17.26
CA GLU G 1 7.13 -0.35 17.62
C GLU G 1 8.09 -1.52 17.61
N ILE G 2 9.24 -1.33 16.96
CA ILE G 2 10.28 -2.35 16.85
C ILE G 2 11.51 -1.86 17.61
N VAL G 3 11.99 -2.70 18.53
CA VAL G 3 13.17 -2.39 19.33
C VAL G 3 14.27 -3.36 18.93
N LEU G 4 15.40 -2.84 18.46
CA LEU G 4 16.52 -3.64 18.03
C LEU G 4 17.66 -3.52 19.03
N THR G 5 18.13 -4.66 19.53
CA THR G 5 19.23 -4.72 20.47
C THR G 5 20.40 -5.45 19.81
N GLN G 6 21.57 -4.81 19.79
CA GLN G 6 22.76 -5.41 19.22
C GLN G 6 23.69 -5.87 20.33
N SER G 7 24.13 -7.12 20.24
CA SER G 7 25.04 -7.69 21.22
C SER G 7 26.32 -8.16 20.54
N PRO G 8 27.48 -7.97 21.18
CA PRO G 8 27.69 -7.34 22.48
C PRO G 8 27.68 -5.81 22.40
N GLY G 9 27.64 -5.13 23.54
CA GLY G 9 27.68 -3.67 23.51
C GLY G 9 28.99 -3.14 22.97
N THR G 10 30.10 -3.77 23.32
CA THR G 10 31.42 -3.39 22.82
C THR G 10 32.25 -4.64 22.67
N LEU G 11 32.69 -4.93 21.44
CA LEU G 11 33.46 -6.13 21.14
C LEU G 11 34.92 -5.75 20.93
N SER G 12 35.81 -6.40 21.65
CA SER G 12 37.24 -6.16 21.56
C SER G 12 37.88 -7.29 20.76
N LEU G 13 38.58 -6.93 19.69
CA LEU G 13 39.19 -7.90 18.79
C LEU G 13 40.57 -7.39 18.39
N SER G 14 41.17 -8.06 17.41
CA SER G 14 42.46 -7.74 16.86
C SER G 14 42.37 -7.78 15.34
N PRO G 15 43.28 -7.09 14.63
CA PRO G 15 43.23 -7.11 13.17
C PRO G 15 43.38 -8.52 12.62
N GLY G 16 42.60 -8.82 11.58
CA GLY G 16 42.66 -10.08 10.87
C GLY G 16 41.63 -11.10 11.30
N GLU G 17 41.11 -11.00 12.52
CA GLU G 17 40.15 -11.97 13.02
C GLU G 17 38.80 -11.79 12.33
N ARG G 18 37.86 -12.67 12.66
CA ARG G 18 36.51 -12.65 12.11
C ARG G 18 35.55 -12.13 13.17
N ALA G 19 34.83 -11.06 12.83
CA ALA G 19 33.93 -10.40 13.77
C ALA G 19 32.55 -11.02 13.71
N THR G 20 31.84 -10.95 14.84
CA THR G 20 30.48 -11.49 14.97
C THR G 20 29.63 -10.44 15.69
N LEU G 21 29.00 -9.58 14.92
CA LEU G 21 28.07 -8.58 15.44
C LEU G 21 26.65 -8.97 15.08
N SER G 22 25.73 -8.84 16.04
CA SER G 22 24.36 -9.29 15.86
C SER G 22 23.40 -8.12 16.09
N CYS G 23 22.17 -8.29 15.62
CA CYS G 23 21.10 -7.31 15.81
C CYS G 23 19.79 -8.08 15.97
N ARG G 24 19.32 -8.20 17.21
CA ARG G 24 18.14 -8.99 17.54
C ARG G 24 16.93 -8.08 17.65
N ALA G 25 15.82 -8.52 17.06
CA ALA G 25 14.59 -7.75 17.05
C ALA G 25 13.57 -8.34 18.03
N SER G 26 12.64 -7.50 18.47
CA SER G 26 11.60 -7.96 19.39
C SER G 26 10.57 -8.82 18.68
N GLN G 27 10.30 -8.53 17.40
CA GLN G 27 9.33 -9.30 16.62
C GLN G 27 9.95 -9.61 15.27
N SER G 28 9.54 -10.75 14.71
CA SER G 28 10.04 -11.15 13.40
C SER G 28 9.65 -10.13 12.34
N VAL G 29 10.63 -9.71 11.54
CA VAL G 29 10.44 -8.64 10.58
C VAL G 29 11.13 -9.06 9.28
N SER G 30 10.56 -8.64 8.15
CA SER G 30 11.10 -9.02 6.85
C SER G 30 12.56 -8.62 6.72
N SER G 31 13.36 -9.52 6.15
CA SER G 31 14.79 -9.31 5.97
C SER G 31 15.11 -8.29 4.88
N SER G 32 14.12 -7.88 4.09
CA SER G 32 14.32 -6.93 3.01
C SER G 32 14.29 -5.48 3.46
N TYR G 33 14.42 -5.22 4.76
CA TYR G 33 14.45 -3.85 5.25
C TYR G 33 15.54 -3.62 6.30
N LEU G 34 16.54 -4.49 6.38
CA LEU G 34 17.61 -4.39 7.37
C LEU G 34 18.85 -3.85 6.68
N ALA G 35 19.34 -2.70 7.12
CA ALA G 35 20.54 -2.11 6.57
C ALA G 35 21.54 -1.83 7.68
N TRP G 36 22.73 -2.42 7.57
CA TRP G 36 23.83 -2.11 8.46
C TRP G 36 24.50 -0.80 8.06
N TYR G 37 25.12 -0.14 9.03
CA TYR G 37 25.79 1.14 8.79
C TYR G 37 27.09 1.19 9.56
N GLN G 38 28.00 2.05 9.09
CA GLN G 38 29.27 2.30 9.75
C GLN G 38 29.46 3.80 9.93
N GLN G 39 30.00 4.19 11.07
CA GLN G 39 30.30 5.60 11.35
C GLN G 39 31.61 5.72 12.10
N LYS G 40 32.61 6.31 11.44
CA LYS G 40 33.85 6.67 12.10
C LYS G 40 33.68 7.96 12.88
N PRO G 41 34.55 8.25 13.86
CA PRO G 41 34.44 9.47 14.66
C PRO G 41 34.39 10.74 13.83
N GLY G 42 33.51 11.67 14.22
CA GLY G 42 33.41 12.96 13.54
C GLY G 42 33.12 12.86 12.07
N GLN G 43 32.23 11.97 11.67
CA GLN G 43 31.98 11.73 10.25
C GLN G 43 30.53 11.29 10.04
N ALA G 44 30.05 11.49 8.82
CA ALA G 44 28.73 11.00 8.44
C ALA G 44 28.76 9.49 8.23
N PRO G 45 27.66 8.80 8.52
CA PRO G 45 27.66 7.34 8.42
C PRO G 45 27.75 6.87 6.97
N ARG G 46 28.29 5.66 6.81
CA ARG G 46 28.45 5.02 5.51
C ARG G 46 27.62 3.76 5.45
N LEU G 47 27.02 3.50 4.29
CA LEU G 47 26.19 2.32 4.10
C LEU G 47 27.07 1.11 3.77
N LEU G 48 26.92 0.04 4.53
CA LEU G 48 27.68 -1.19 4.31
C LEU G 48 26.86 -2.25 3.60
N ILE G 49 25.74 -2.66 4.19
CA ILE G 49 24.92 -3.76 3.70
C ILE G 49 23.46 -3.33 3.70
N TYR G 50 22.73 -3.69 2.65
CA TYR G 50 21.28 -3.58 2.65
C TYR G 50 20.67 -4.96 2.43
N GLY G 51 19.44 -5.13 2.93
CA GLY G 51 18.80 -6.43 2.90
C GLY G 51 19.33 -7.35 3.97
N ALA G 52 19.96 -8.45 3.58
CA ALA G 52 20.61 -9.33 4.55
C ALA G 52 22.01 -9.78 4.17
N SER G 53 22.36 -9.82 2.88
CA SER G 53 23.67 -10.31 2.49
C SER G 53 24.28 -9.55 1.30
N SER G 54 23.73 -8.40 0.93
CA SER G 54 24.15 -7.69 -0.27
C SER G 54 25.08 -6.55 0.09
N ARG G 55 26.29 -6.57 -0.46
CA ARG G 55 27.24 -5.49 -0.26
C ARG G 55 26.81 -4.25 -1.02
N ALA G 56 26.88 -3.10 -0.36
CA ALA G 56 26.56 -1.84 -1.02
C ALA G 56 27.65 -1.49 -2.02
N THR G 57 27.31 -0.58 -2.93
CA THR G 57 28.27 -0.16 -3.95
C THR G 57 29.45 0.55 -3.33
N GLY G 58 30.66 0.23 -3.79
CA GLY G 58 31.87 0.80 -3.27
C GLY G 58 32.33 0.23 -1.94
N ILE G 59 31.70 -0.82 -1.45
CA ILE G 59 32.04 -1.42 -0.16
C ILE G 59 32.97 -2.60 -0.39
N PRO G 60 34.04 -2.73 0.39
CA PRO G 60 34.96 -3.86 0.20
C PRO G 60 34.28 -5.19 0.47
N ASP G 61 35.01 -6.27 0.14
CA ASP G 61 34.46 -7.61 0.19
C ASP G 61 34.53 -8.24 1.58
N ARG G 62 35.20 -7.61 2.54
CA ARG G 62 35.32 -8.19 3.88
C ARG G 62 33.97 -8.32 4.56
N PHE G 63 33.12 -7.30 4.41
CA PHE G 63 31.81 -7.35 5.05
C PHE G 63 30.89 -8.34 4.34
N SER G 64 30.23 -9.18 5.13
CA SER G 64 29.30 -10.17 4.59
C SER G 64 28.29 -10.52 5.66
N GLY G 65 27.07 -10.00 5.54
CA GLY G 65 26.02 -10.31 6.48
C GLY G 65 25.33 -11.63 6.18
N SER G 66 24.44 -12.02 7.09
CA SER G 66 23.71 -13.27 6.95
C SER G 66 22.53 -13.25 7.93
N GLY G 67 21.72 -14.29 7.88
CA GLY G 67 20.64 -14.50 8.81
C GLY G 67 19.30 -14.01 8.29
N SER G 68 18.24 -14.52 8.92
CA SER G 68 16.87 -14.12 8.62
C SER G 68 16.02 -14.40 9.84
N GLY G 69 14.84 -13.79 9.86
CA GLY G 69 13.93 -13.98 10.98
C GLY G 69 14.07 -12.91 12.05
N THR G 70 14.79 -13.22 13.12
CA THR G 70 15.00 -12.27 14.20
C THR G 70 16.49 -12.05 14.46
N ASP G 71 17.28 -13.11 14.33
CA ASP G 71 18.72 -13.04 14.57
C ASP G 71 19.44 -12.76 13.27
N PHE G 72 20.24 -11.70 13.26
CA PHE G 72 21.09 -11.34 12.14
C PHE G 72 22.54 -11.30 12.59
N THR G 73 23.45 -11.31 11.62
CA THR G 73 24.87 -11.33 11.93
C THR G 73 25.65 -10.58 10.85
N LEU G 74 26.57 -9.74 11.28
CA LEU G 74 27.54 -9.10 10.40
C LEU G 74 28.90 -9.75 10.63
N THR G 75 29.56 -10.14 9.54
CA THR G 75 30.83 -10.84 9.62
C THR G 75 31.86 -10.12 8.76
N ILE G 76 33.01 -9.83 9.36
CA ILE G 76 34.15 -9.26 8.65
C ILE G 76 35.24 -10.32 8.58
N SER G 77 35.69 -10.63 7.36
CA SER G 77 36.62 -11.74 7.16
C SER G 77 37.95 -11.46 7.86
N ARG G 78 38.55 -10.30 7.58
CA ARG G 78 39.81 -9.91 8.21
C ARG G 78 39.69 -8.46 8.66
N LEU G 79 39.93 -8.22 9.94
CA LEU G 79 39.87 -6.86 10.47
C LEU G 79 41.06 -6.05 10.01
N GLU G 80 40.80 -4.79 9.63
CA GLU G 80 41.82 -3.87 9.18
C GLU G 80 41.74 -2.60 10.01
N PRO G 81 42.85 -1.85 10.11
CA PRO G 81 42.83 -0.60 10.90
C PRO G 81 41.71 0.36 10.55
N GLU G 82 41.11 0.23 9.35
CA GLU G 82 40.02 1.10 8.94
C GLU G 82 38.64 0.54 9.28
N ASP G 83 38.57 -0.65 9.88
CA ASP G 83 37.30 -1.29 10.20
C ASP G 83 36.94 -1.20 11.67
N PHE G 84 37.48 -0.23 12.39
CA PHE G 84 37.24 -0.09 13.83
C PHE G 84 36.46 1.21 14.05
N ALA G 85 35.14 1.10 14.02
CA ALA G 85 34.25 2.25 14.17
C ALA G 85 32.97 1.76 14.83
N VAL G 86 31.92 2.58 14.76
CA VAL G 86 30.62 2.26 15.34
C VAL G 86 29.73 1.70 14.25
N TYR G 87 29.07 0.58 14.53
CA TYR G 87 28.20 -0.09 13.58
C TYR G 87 26.76 -0.01 14.04
N TYR G 88 25.86 0.32 13.11
CA TYR G 88 24.44 0.46 13.39
C TYR G 88 23.65 -0.51 12.53
N CYS G 89 22.55 -1.01 13.09
CA CYS G 89 21.58 -1.79 12.33
C CYS G 89 20.26 -1.05 12.29
N GLN G 90 19.75 -0.85 11.08
CA GLN G 90 18.53 -0.08 10.84
C GLN G 90 17.42 -1.00 10.36
N GLN G 91 16.22 -0.75 10.87
CA GLN G 91 15.06 -1.53 10.47
C GLN G 91 14.04 -0.57 9.87
N TYR G 92 12.94 -1.11 9.35
CA TYR G 92 11.95 -0.26 8.69
C TYR G 92 10.56 -0.86 8.89
N GLY G 93 9.74 -0.20 9.72
CA GLY G 93 8.34 -0.53 9.83
C GLY G 93 7.50 0.51 9.12
N SER G 94 6.83 1.37 9.89
CA SER G 94 6.20 2.56 9.33
C SER G 94 7.17 3.73 9.25
N SER G 95 8.37 3.58 9.81
CA SER G 95 9.39 4.61 9.83
C SER G 95 10.70 3.97 10.30
N PRO G 96 11.84 4.55 9.97
CA PRO G 96 13.12 3.94 10.36
C PRO G 96 13.27 3.84 11.87
N THR G 97 13.87 2.74 12.31
CA THR G 97 14.22 2.51 13.70
C THR G 97 15.67 2.07 13.78
N PHE G 98 16.42 2.66 14.71
CA PHE G 98 17.86 2.47 14.79
C PHE G 98 18.24 1.74 16.07
N GLY G 99 19.40 1.10 16.04
CA GLY G 99 19.91 0.38 17.18
C GLY G 99 20.69 1.27 18.13
N GLN G 100 21.28 0.64 19.14
CA GLN G 100 22.03 1.35 20.16
C GLN G 100 23.49 1.57 19.80
N GLY G 101 23.99 0.94 18.73
CA GLY G 101 25.35 1.15 18.31
C GLY G 101 26.34 0.20 18.95
N THR G 102 27.24 -0.36 18.15
CA THR G 102 28.29 -1.24 18.64
C THR G 102 29.63 -0.75 18.11
N LYS G 103 30.61 -0.61 19.00
CA LYS G 103 31.91 -0.05 18.68
C LYS G 103 32.98 -1.13 18.79
N LEU G 104 33.78 -1.28 17.73
CA LEU G 104 34.88 -2.23 17.71
C LEU G 104 36.15 -1.56 18.22
N GLU G 105 36.87 -2.26 19.08
CA GLU G 105 38.08 -1.73 19.69
C GLU G 105 39.21 -2.75 19.60
N ILE G 106 40.44 -2.25 19.68
CA ILE G 106 41.63 -3.08 19.61
C ILE G 106 41.78 -3.85 20.91
N LYS G 107 42.20 -5.10 20.82
CA LYS G 107 42.47 -5.91 22.01
C LYS G 107 43.68 -5.37 22.77
C1 NAG H . -16.42 -19.58 0.34
C2 NAG H . -17.83 -19.06 0.66
C3 NAG H . -18.24 -19.46 2.08
C4 NAG H . -18.08 -20.96 2.28
C5 NAG H . -16.66 -21.40 1.90
C6 NAG H . -16.46 -22.89 1.97
C7 NAG H . -19.00 -16.99 0.03
C8 NAG H . -18.89 -15.51 -0.09
N2 NAG H . -17.90 -17.63 0.48
O3 NAG H . -19.58 -19.09 2.32
O4 NAG H . -18.33 -21.31 3.64
O5 NAG H . -16.37 -21.00 0.54
O6 NAG H . -15.42 -23.32 1.11
O7 NAG H . -20.01 -17.61 -0.28
C1 NAG H . -19.57 -22.04 3.69
C2 NAG H . -19.48 -23.05 4.84
C3 NAG H . -20.78 -23.82 4.97
C4 NAG H . -21.96 -22.85 5.10
C5 NAG H . -21.94 -21.85 3.95
C6 NAG H . -23.01 -20.78 4.09
C7 NAG H . -17.66 -24.47 5.66
C8 NAG H . -16.54 -25.40 5.28
N2 NAG H . -18.37 -23.96 4.65
O3 NAG H . -20.73 -24.67 6.11
O4 NAG H . -23.19 -23.57 5.08
O5 NAG H . -20.68 -21.17 3.91
O6 NAG H . -23.79 -20.96 5.25
O7 NAG H . -17.92 -24.21 6.83
#